data_4I7F
#
_entry.id   4I7F
#
_cell.length_a   118.319
_cell.length_b   154.703
_cell.length_c   154.250
_cell.angle_alpha   90.00
_cell.angle_beta   90.00
_cell.angle_gamma   90.00
#
_symmetry.space_group_name_H-M   'C 2 2 21'
#
loop_
_entity.id
_entity.type
_entity.pdbx_description
1 polymer 'Reverse transcriptase'
2 polymer 'Reverse transcriptase'
3 non-polymer "diethyl ({4-[2-(11-ethyl-5-methyl-6-oxo-6,11-dihydro-5H-dipyrido[3,2-b:2',3'-e][1,4]diazepin-8-yl)ethyl]phenoxy}methyl)phosphonate"
4 non-polymer 'SULFATE ION'
5 non-polymer 'MAGNESIUM ION'
6 non-polymer 'CHLORIDE ION'
7 water water
#
loop_
_entity_poly.entity_id
_entity_poly.type
_entity_poly.pdbx_seq_one_letter_code
_entity_poly.pdbx_strand_id
1 'polypeptide(L)'
;PISPIETVPVKLKPGMDGPKVKQWPLTEEKIKALVEICTEMEKEGKISKIGPENPYNTPVFAIKKKDSTKWRKLVDFREL
NKRTQDFWEVQLGIPHPAGLKKKKSVTVLDVGDAYFSVPLDEDFRKYTAFTIPSINNETPGIRYQYNVLPQGWKGSPAIF
QSSMTKILEPFRKQNPDIVIYQYMDDLYVGSDLEIGQHRTKIEELRQHLLRWGLTTPDKKHQKEPPFLWMGYELHPDKWT
VQPIVLPEKDSWTVNDIQKLVGKLNWASQIYPGIKVRQLCKLLRGTKALTEVIPLTEEAELELAENREILKEPVHGVYYD
PSKDLIAEIQKQGQGQWTYQIYQEPFKNLKTGKYARMRGAHTNDVKQLTEAVQKITTESIVIWGKTPKFKLPIQKETWET
WWTEYWQATWIPEWEFVNTPPLVKLWYQLEKEPIVGAETFYVDGAANRETKLGKAGYVTNRGRQKVVTLTDTTNQKTELQ
AIYLALQDSGLEVNIVTDSQYALGIIQAQPDQSESELVNQIIEQLIKKEKVYLAWVPAHKGIGGNEQVDKLVSAGIRKVL
;
A
2 'polypeptide(L)'
;PISPIETVPVKLKPGMDGPKVKQWPLTEEKIKALVEICTEMEKEGKISKIGPENPYNTPVFAIKKKDSTKWRKLVDFREL
NKRTQDFWEVQLGIPHPAGLKKKKSVTVLDVGDAYFSVPLDEDFRKYTAFTIPSINNETPGIRYQYNVLPQGWKGSPAIF
QSSMTKILEPFRKQNPDIVIYQYMDDLYVGSDLEIGQHRTKIEELRQHLLRWGLTTPDKKHQKEPPFLWMGYELHPDKWT
VQPIVLPEKDSWTVNDIQKLVGKLNWASQIYPGIKVRQLCKLLRGTKALTEVIPLTEEAELELAENREILKEPVHGVYYD
PSKDLIAEIQKQGQGQWTYQIYQEPFKNLKTGKYARMRGAHTNDVKQLTEAVQKITTESIVIWGKTPKFKLPIQKETWET
WWTEYWQATWIPEWEFVNTPPLVKLWYQLEKEPIVGAETF
;
B
#
loop_
_chem_comp.id
_chem_comp.type
_chem_comp.name
_chem_comp.formula
CL non-polymer 'CHLORIDE ION' 'Cl -1'
MG non-polymer 'MAGNESIUM ION' 'Mg 2'
NVE non-polymer 'diethyl ({4-[2-(11-ethyl-5-methyl-6-oxo-6,11-dihydro-5H-dipyrido[3,2-b:2',3'-e][1,4]diazepin-8-yl)ethyl]phenoxy}methyl)phosphonate' 'C27 H33 N4 O5 P'
SO4 non-polymer 'SULFATE ION' 'O4 S -2'
#
# COMPACT_ATOMS: atom_id res chain seq x y z
N PRO A 1 -37.62 16.60 -16.06
CA PRO A 1 -37.20 15.39 -16.82
C PRO A 1 -35.94 15.54 -17.65
N ILE A 2 -35.52 16.75 -17.95
CA ILE A 2 -34.12 16.92 -18.33
C ILE A 2 -33.47 18.08 -17.59
N SER A 3 -32.66 17.71 -16.60
CA SER A 3 -32.04 18.65 -15.69
C SER A 3 -31.42 19.82 -16.43
N PRO A 4 -31.63 21.03 -15.91
CA PRO A 4 -31.04 22.27 -16.43
C PRO A 4 -29.55 22.41 -16.13
N ILE A 5 -28.97 21.42 -15.45
CA ILE A 5 -27.57 21.49 -15.01
C ILE A 5 -26.58 21.50 -16.17
N GLU A 6 -25.45 22.18 -16.00
CA GLU A 6 -24.50 22.25 -17.08
C GLU A 6 -23.85 20.89 -17.32
N THR A 7 -23.39 20.68 -18.55
CA THR A 7 -22.90 19.38 -18.98
C THR A 7 -21.44 19.17 -18.60
N VAL A 8 -21.06 17.92 -18.46
CA VAL A 8 -19.67 17.56 -18.38
C VAL A 8 -19.13 17.41 -19.79
N PRO A 9 -18.08 18.18 -20.11
CA PRO A 9 -17.38 18.06 -21.39
C PRO A 9 -16.80 16.66 -21.53
N VAL A 10 -16.88 16.10 -22.72
CA VAL A 10 -16.50 14.72 -22.94
C VAL A 10 -15.68 14.62 -24.21
N LYS A 11 -14.77 13.65 -24.26
CA LYS A 11 -13.91 13.46 -25.43
C LYS A 11 -13.78 12.00 -25.78
N LEU A 12 -13.45 11.75 -27.05
CA LEU A 12 -13.01 10.44 -27.47
C LEU A 12 -11.53 10.31 -27.08
N LYS A 13 -11.04 9.08 -26.97
CA LYS A 13 -9.61 8.87 -26.72
C LYS A 13 -8.78 9.50 -27.83
N PRO A 14 -7.66 10.13 -27.47
CA PRO A 14 -6.92 11.09 -28.28
C PRO A 14 -6.59 10.71 -29.74
N GLY A 15 -6.37 9.43 -30.02
CA GLY A 15 -6.02 9.06 -31.38
C GLY A 15 -7.20 8.65 -32.24
N MET A 16 -8.39 8.63 -31.65
CA MET A 16 -9.51 7.90 -32.24
C MET A 16 -10.63 8.80 -32.71
N ASP A 17 -11.45 8.29 -33.62
CA ASP A 17 -12.65 9.00 -34.06
C ASP A 17 -13.90 8.19 -33.68
N GLY A 18 -15.07 8.84 -33.74
CA GLY A 18 -16.31 8.20 -33.31
C GLY A 18 -16.67 6.90 -34.03
N PRO A 19 -17.62 6.12 -33.49
CA PRO A 19 -17.97 4.82 -34.06
C PRO A 19 -18.66 4.89 -35.42
N LYS A 20 -18.48 3.83 -36.22
CA LYS A 20 -19.14 3.72 -37.51
C LYS A 20 -19.55 2.26 -37.78
N VAL A 21 -20.39 1.72 -36.92
CA VAL A 21 -20.83 0.33 -37.06
C VAL A 21 -22.08 0.31 -37.93
N LYS A 22 -22.22 -0.73 -38.76
CA LYS A 22 -23.32 -0.80 -39.69
C LYS A 22 -24.52 -1.40 -38.96
N GLN A 23 -25.70 -0.82 -39.20
CA GLN A 23 -26.93 -1.32 -38.60
C GLN A 23 -27.37 -2.61 -39.29
N TRP A 24 -27.44 -3.69 -38.53
CA TRP A 24 -28.01 -4.93 -39.06
C TRP A 24 -29.46 -4.65 -39.46
N PRO A 25 -29.97 -5.35 -40.47
CA PRO A 25 -31.39 -5.30 -40.84
C PRO A 25 -32.28 -5.97 -39.80
N LEU A 26 -33.32 -5.29 -39.36
CA LEU A 26 -34.20 -5.84 -38.34
C LEU A 26 -35.52 -6.34 -38.92
N THR A 27 -36.31 -6.99 -38.08
CA THR A 27 -37.66 -7.42 -38.43
C THR A 27 -38.65 -6.26 -38.49
N GLU A 28 -39.82 -6.51 -39.08
CA GLU A 28 -40.88 -5.52 -39.18
C GLU A 28 -41.36 -5.09 -37.80
N GLU A 29 -41.53 -6.06 -36.92
CA GLU A 29 -42.03 -5.78 -35.58
C GLU A 29 -40.95 -5.09 -34.73
N LYS A 30 -39.71 -5.51 -34.93
CA LYS A 30 -38.60 -4.86 -34.25
C LYS A 30 -38.52 -3.42 -34.72
N ILE A 31 -38.56 -3.22 -36.03
CA ILE A 31 -38.53 -1.88 -36.61
C ILE A 31 -39.68 -1.03 -36.10
N LYS A 32 -40.81 -1.70 -35.86
CA LYS A 32 -42.01 -0.99 -35.45
C LYS A 32 -41.89 -0.56 -33.99
N ALA A 33 -41.51 -1.49 -33.13
CA ALA A 33 -41.33 -1.20 -31.73
C ALA A 33 -40.41 0.00 -31.54
N LEU A 34 -39.33 0.04 -32.33
CA LEU A 34 -38.33 1.08 -32.17
C LEU A 34 -38.87 2.44 -32.54
N VAL A 35 -39.62 2.50 -33.63
CA VAL A 35 -40.18 3.77 -34.06
C VAL A 35 -41.14 4.26 -32.98
N GLU A 36 -41.91 3.34 -32.40
CA GLU A 36 -42.80 3.67 -31.29
C GLU A 36 -42.02 4.27 -30.13
N ILE A 37 -41.11 3.48 -29.56
CA ILE A 37 -40.24 3.92 -28.49
C ILE A 37 -39.52 5.23 -28.78
N CYS A 38 -38.95 5.35 -29.97
CA CYS A 38 -38.14 6.51 -30.30
C CYS A 38 -38.97 7.76 -30.49
N THR A 39 -40.21 7.60 -30.94
CA THR A 39 -41.08 8.74 -31.13
C THR A 39 -41.41 9.34 -29.76
N GLU A 40 -41.69 8.47 -28.80
CA GLU A 40 -42.00 8.89 -27.45
C GLU A 40 -40.79 9.55 -26.76
N MET A 41 -39.59 9.03 -27.03
CA MET A 41 -38.36 9.61 -26.50
C MET A 41 -38.09 10.97 -27.14
N GLU A 42 -38.41 11.08 -28.42
CA GLU A 42 -38.11 12.28 -29.17
C GLU A 42 -38.95 13.44 -28.69
N LYS A 43 -40.19 13.14 -28.30
CA LYS A 43 -41.11 14.18 -27.85
C LYS A 43 -40.66 14.72 -26.50
N GLU A 44 -40.03 13.86 -25.71
CA GLU A 44 -39.58 14.24 -24.37
C GLU A 44 -38.21 14.93 -24.35
N GLY A 45 -37.57 15.02 -25.50
CA GLY A 45 -36.27 15.64 -25.57
C GLY A 45 -35.10 14.67 -25.54
N LYS A 46 -35.36 13.45 -25.10
CA LYS A 46 -34.29 12.46 -24.90
C LYS A 46 -33.40 12.32 -26.14
N ILE A 47 -34.02 12.23 -27.32
CA ILE A 47 -33.27 12.13 -28.57
C ILE A 47 -33.76 13.10 -29.64
N SER A 48 -32.97 13.27 -30.70
CA SER A 48 -33.34 14.15 -31.80
C SER A 48 -33.04 13.57 -33.17
N LYS A 49 -33.88 13.88 -34.15
CA LYS A 49 -33.64 13.48 -35.54
C LYS A 49 -32.44 14.27 -36.05
N ILE A 50 -31.60 13.63 -36.85
CA ILE A 50 -30.48 14.32 -37.47
C ILE A 50 -30.42 14.04 -38.97
N GLY A 51 -29.63 14.84 -39.69
CA GLY A 51 -29.44 14.65 -41.11
C GLY A 51 -28.61 13.44 -41.46
N PRO A 52 -28.44 13.13 -42.76
CA PRO A 52 -27.58 12.04 -43.24
C PRO A 52 -26.12 12.47 -43.27
N GLU A 53 -25.87 13.74 -42.96
CA GLU A 53 -24.53 14.31 -42.98
C GLU A 53 -23.65 13.72 -41.87
N ASN A 54 -24.29 13.25 -40.80
CA ASN A 54 -23.59 12.68 -39.65
C ASN A 54 -23.06 11.28 -39.98
N PRO A 55 -21.73 11.11 -39.96
CA PRO A 55 -21.00 9.91 -40.36
C PRO A 55 -21.03 8.80 -39.33
N TYR A 56 -21.48 9.14 -38.13
CA TYR A 56 -21.34 8.20 -37.03
C TYR A 56 -22.55 7.30 -36.93
N ASN A 57 -22.34 6.07 -36.47
CA ASN A 57 -23.45 5.20 -36.20
C ASN A 57 -23.08 4.08 -35.25
N THR A 58 -24.05 3.69 -34.42
CA THR A 58 -23.91 2.49 -33.61
C THR A 58 -25.22 1.71 -33.63
N PRO A 59 -25.13 0.37 -33.61
CA PRO A 59 -26.30 -0.51 -33.78
C PRO A 59 -27.32 -0.46 -32.66
N VAL A 60 -28.59 -0.56 -33.05
CA VAL A 60 -29.69 -0.63 -32.11
C VAL A 60 -30.48 -1.91 -32.33
N PHE A 61 -31.05 -2.44 -31.26
CA PHE A 61 -31.89 -3.62 -31.35
C PHE A 61 -33.11 -3.47 -30.46
N ALA A 62 -34.03 -4.43 -30.57
CA ALA A 62 -35.21 -4.44 -29.73
C ALA A 62 -35.48 -5.87 -29.30
N ILE A 63 -35.81 -6.04 -28.02
CA ILE A 63 -36.15 -7.35 -27.50
C ILE A 63 -37.43 -7.21 -26.68
N LYS A 64 -38.26 -8.26 -26.69
CA LYS A 64 -39.52 -8.22 -25.97
C LYS A 64 -39.29 -8.31 -24.46
N LYS A 65 -39.89 -7.37 -23.74
CA LYS A 65 -39.52 -7.09 -22.36
C LYS A 65 -40.21 -7.99 -21.33
N LYS A 66 -39.41 -8.66 -20.52
CA LYS A 66 -39.90 -9.38 -19.35
C LYS A 66 -40.98 -10.41 -19.69
N ASP A 67 -40.85 -11.03 -20.86
CA ASP A 67 -41.81 -12.05 -21.31
C ASP A 67 -43.17 -11.42 -21.63
N SER A 68 -43.35 -10.16 -21.22
CA SER A 68 -44.58 -9.42 -21.48
C SER A 68 -44.64 -9.05 -22.95
N THR A 69 -45.61 -8.22 -23.32
CA THR A 69 -45.71 -7.72 -24.69
C THR A 69 -45.20 -6.29 -24.80
N LYS A 70 -44.37 -5.87 -23.84
CA LYS A 70 -43.63 -4.63 -23.96
C LYS A 70 -42.34 -4.85 -24.74
N TRP A 71 -41.88 -3.81 -25.42
CA TRP A 71 -40.61 -3.85 -26.14
C TRP A 71 -39.61 -2.92 -25.47
N ARG A 72 -38.36 -3.35 -25.38
CA ARG A 72 -37.29 -2.45 -24.97
C ARG A 72 -36.27 -2.25 -26.08
N LYS A 73 -36.02 -0.99 -26.42
CA LYS A 73 -34.88 -0.63 -27.23
C LYS A 73 -33.62 -1.16 -26.55
N LEU A 74 -32.58 -1.40 -27.34
CA LEU A 74 -31.30 -1.82 -26.79
C LEU A 74 -30.19 -1.38 -27.73
N VAL A 75 -29.47 -0.34 -27.33
CA VAL A 75 -28.36 0.19 -28.11
C VAL A 75 -27.06 -0.51 -27.72
N ASP A 76 -26.26 -0.86 -28.73
CA ASP A 76 -25.01 -1.58 -28.51
C ASP A 76 -23.85 -0.60 -28.55
N PHE A 77 -23.38 -0.19 -27.38
CA PHE A 77 -22.39 0.87 -27.29
C PHE A 77 -20.96 0.35 -27.15
N ARG A 78 -20.76 -0.93 -27.39
CA ARG A 78 -19.44 -1.50 -27.28
C ARG A 78 -18.40 -0.70 -28.07
N GLU A 79 -18.78 -0.21 -29.24
CA GLU A 79 -17.79 0.44 -30.09
C GLU A 79 -17.47 1.87 -29.64
N LEU A 80 -18.50 2.62 -29.29
CA LEU A 80 -18.31 3.95 -28.77
C LEU A 80 -17.53 3.86 -27.44
N ASN A 81 -17.96 2.95 -26.57
CA ASN A 81 -17.27 2.75 -25.30
C ASN A 81 -15.76 2.52 -25.46
N LYS A 82 -15.37 1.67 -26.40
CA LYS A 82 -13.97 1.45 -26.68
C LYS A 82 -13.28 2.73 -27.15
N ARG A 83 -14.06 3.72 -27.57
CA ARG A 83 -13.46 4.95 -28.09
C ARG A 83 -13.59 6.15 -27.15
N THR A 84 -14.40 6.00 -26.10
CA THR A 84 -14.64 7.10 -25.17
C THR A 84 -13.53 7.20 -24.11
N GLN A 85 -13.18 8.44 -23.77
CA GLN A 85 -12.15 8.69 -22.77
C GLN A 85 -12.45 7.92 -21.50
N ASP A 86 -11.40 7.60 -20.74
CA ASP A 86 -11.59 7.05 -19.42
C ASP A 86 -12.11 8.13 -18.48
N PHE A 87 -12.94 7.71 -17.53
CA PHE A 87 -13.48 8.61 -16.53
C PHE A 87 -12.94 8.29 -15.15
N TRP A 88 -13.20 9.18 -14.20
CA TRP A 88 -12.84 8.96 -12.83
C TRP A 88 -13.82 8.00 -12.19
N GLU A 89 -13.37 7.24 -11.20
CA GLU A 89 -14.22 6.26 -10.55
C GLU A 89 -15.32 6.89 -9.71
N VAL A 90 -16.53 6.39 -9.89
CA VAL A 90 -17.66 6.77 -9.03
C VAL A 90 -17.26 6.70 -7.55
N GLN A 91 -17.18 5.48 -7.02
CA GLN A 91 -16.78 5.28 -5.63
C GLN A 91 -15.53 4.39 -5.50
N LEU A 92 -14.67 4.70 -4.53
CA LEU A 92 -13.46 3.92 -4.31
C LEU A 92 -13.58 2.98 -3.13
N GLY A 93 -14.81 2.79 -2.67
CA GLY A 93 -15.10 1.88 -1.58
C GLY A 93 -16.57 2.05 -1.29
N ILE A 94 -17.17 1.10 -0.58
CA ILE A 94 -18.57 1.26 -0.24
C ILE A 94 -18.70 1.36 1.27
N PRO A 95 -19.61 2.21 1.77
CA PRO A 95 -19.68 2.33 3.23
C PRO A 95 -20.06 1.03 3.90
N HIS A 96 -19.54 0.83 5.11
CA HIS A 96 -20.00 -0.28 5.93
C HIS A 96 -21.02 0.19 6.96
N PRO A 97 -22.07 -0.60 7.16
CA PRO A 97 -23.09 -0.32 8.17
C PRO A 97 -22.53 0.07 9.54
N ALA A 98 -21.48 -0.64 9.99
CA ALA A 98 -20.90 -0.43 11.32
C ALA A 98 -20.35 0.99 11.48
N GLY A 99 -20.08 1.63 10.34
CA GLY A 99 -19.56 2.98 10.37
C GLY A 99 -20.61 4.08 10.31
N LEU A 100 -21.89 3.72 10.25
CA LEU A 100 -22.95 4.73 10.17
C LEU A 100 -23.32 5.35 11.54
N LYS A 101 -23.25 6.67 11.61
CA LYS A 101 -23.85 7.42 12.73
C LYS A 101 -25.32 7.06 12.84
N LYS A 102 -25.78 6.79 14.06
CA LYS A 102 -27.18 6.45 14.25
C LYS A 102 -28.01 7.69 13.90
N LYS A 103 -29.17 7.47 13.28
CA LYS A 103 -30.07 8.57 12.95
C LYS A 103 -31.47 8.28 13.48
N LYS A 104 -32.21 9.34 13.78
CA LYS A 104 -33.58 9.20 14.24
C LYS A 104 -34.49 8.80 13.07
N SER A 105 -34.21 9.33 11.88
CA SER A 105 -34.97 8.96 10.68
C SER A 105 -34.14 8.95 9.39
N VAL A 106 -34.43 7.95 8.56
CA VAL A 106 -33.89 7.85 7.20
C VAL A 106 -35.03 7.50 6.24
N THR A 107 -35.16 8.25 5.15
CA THR A 107 -36.07 7.84 4.09
C THR A 107 -35.30 7.64 2.80
N VAL A 108 -35.84 6.76 1.95
CA VAL A 108 -35.23 6.47 0.65
C VAL A 108 -35.99 7.21 -0.45
N LEU A 109 -35.26 7.93 -1.28
CA LEU A 109 -35.83 8.52 -2.49
C LEU A 109 -35.08 7.97 -3.69
N ASP A 110 -35.81 7.44 -4.67
CA ASP A 110 -35.17 7.02 -5.92
C ASP A 110 -35.47 8.04 -7.01
N VAL A 111 -34.48 8.31 -7.85
CA VAL A 111 -34.62 9.18 -8.99
C VAL A 111 -35.23 8.42 -10.18
N GLY A 112 -36.29 8.96 -10.75
CA GLY A 112 -36.93 8.32 -11.88
C GLY A 112 -36.23 8.69 -13.17
N ASP A 113 -36.08 7.71 -14.06
CA ASP A 113 -35.41 7.92 -15.35
C ASP A 113 -34.05 8.60 -15.23
N ALA A 114 -33.24 8.12 -14.29
CA ALA A 114 -32.02 8.79 -13.88
C ALA A 114 -31.15 9.27 -15.06
N TYR A 115 -30.70 8.35 -15.91
CA TYR A 115 -29.82 8.73 -17.03
C TYR A 115 -30.48 9.67 -18.04
N PHE A 116 -31.73 9.38 -18.37
CA PHE A 116 -32.44 10.19 -19.36
C PHE A 116 -32.78 11.57 -18.80
N SER A 117 -32.75 11.69 -17.47
CA SER A 117 -32.97 12.98 -16.84
C SER A 117 -31.73 13.88 -16.78
N VAL A 118 -30.64 13.49 -17.43
CA VAL A 118 -29.41 14.31 -17.39
C VAL A 118 -28.84 14.56 -18.79
N PRO A 119 -28.52 15.82 -19.10
CA PRO A 119 -27.99 16.26 -20.40
C PRO A 119 -26.59 15.75 -20.74
N LEU A 120 -26.30 15.64 -22.03
CA LEU A 120 -25.01 15.18 -22.51
C LEU A 120 -24.31 16.30 -23.28
N ASP A 121 -23.02 16.46 -23.04
CA ASP A 121 -22.21 17.48 -23.72
C ASP A 121 -22.57 17.63 -25.21
N GLU A 122 -23.02 18.84 -25.57
CA GLU A 122 -23.43 19.16 -26.95
C GLU A 122 -22.48 18.59 -27.99
N ASP A 123 -21.20 18.80 -27.77
CA ASP A 123 -20.15 18.42 -28.72
C ASP A 123 -19.97 16.91 -28.85
N PHE A 124 -20.61 16.14 -27.98
CA PHE A 124 -20.41 14.70 -28.00
C PHE A 124 -21.59 13.94 -28.59
N ARG A 125 -22.74 14.61 -28.67
CA ARG A 125 -23.96 13.94 -29.08
C ARG A 125 -23.86 13.28 -30.44
N LYS A 126 -23.15 13.92 -31.36
CA LYS A 126 -23.05 13.41 -32.71
C LYS A 126 -22.44 12.02 -32.74
N TYR A 127 -21.86 11.60 -31.62
CA TYR A 127 -21.19 10.31 -31.57
C TYR A 127 -22.14 9.21 -31.15
N THR A 128 -23.33 9.59 -30.70
CA THR A 128 -24.29 8.63 -30.16
C THR A 128 -25.35 8.29 -31.20
N ALA A 129 -25.16 8.81 -32.41
CA ALA A 129 -26.09 8.60 -33.53
C ALA A 129 -26.41 7.12 -33.78
N PHE A 130 -27.70 6.80 -33.86
CA PHE A 130 -28.08 5.49 -34.33
C PHE A 130 -29.12 5.57 -35.45
N THR A 131 -29.40 4.44 -36.08
CA THR A 131 -30.31 4.43 -37.23
C THR A 131 -31.35 3.34 -37.08
N ILE A 132 -32.63 3.71 -37.12
CA ILE A 132 -33.69 2.72 -37.22
C ILE A 132 -33.79 2.35 -38.69
N PRO A 133 -33.45 1.11 -39.04
CA PRO A 133 -33.44 0.73 -40.45
C PRO A 133 -34.87 0.72 -40.98
N SER A 134 -35.04 1.10 -42.24
CA SER A 134 -36.32 0.89 -42.90
C SER A 134 -36.51 -0.59 -43.27
N ILE A 135 -37.74 -0.98 -43.60
CA ILE A 135 -38.06 -2.37 -43.89
C ILE A 135 -37.29 -2.92 -45.09
N ASN A 136 -36.63 -4.07 -44.88
CA ASN A 136 -35.75 -4.67 -45.87
C ASN A 136 -34.65 -3.75 -46.38
N ASN A 137 -34.37 -2.70 -45.63
CA ASN A 137 -33.29 -1.78 -45.98
C ASN A 137 -33.46 -1.13 -47.35
N GLU A 138 -34.70 -1.03 -47.82
CA GLU A 138 -34.97 -0.37 -49.09
C GLU A 138 -34.53 1.09 -49.03
N THR A 139 -35.07 1.81 -48.06
CA THR A 139 -34.94 3.25 -48.03
C THR A 139 -34.05 3.73 -46.89
N PRO A 140 -33.58 4.99 -46.95
CA PRO A 140 -32.83 5.60 -45.85
C PRO A 140 -33.54 5.48 -44.49
N GLY A 141 -32.78 5.06 -43.48
CA GLY A 141 -33.35 4.86 -42.16
C GLY A 141 -33.52 6.17 -41.43
N ILE A 142 -34.15 6.11 -40.25
CA ILE A 142 -34.35 7.30 -39.44
C ILE A 142 -33.19 7.44 -38.45
N ARG A 143 -32.54 8.59 -38.44
CA ARG A 143 -31.35 8.78 -37.62
C ARG A 143 -31.60 9.74 -36.48
N TYR A 144 -31.32 9.30 -35.27
CA TYR A 144 -31.36 10.15 -34.09
C TYR A 144 -30.00 10.20 -33.40
N GLN A 145 -29.85 11.16 -32.50
CA GLN A 145 -28.73 11.16 -31.58
C GLN A 145 -29.27 11.46 -30.19
N TYR A 146 -28.50 11.12 -29.17
CA TYR A 146 -28.89 11.37 -27.79
C TYR A 146 -28.64 12.82 -27.36
N ASN A 147 -29.51 13.32 -26.50
CA ASN A 147 -29.30 14.61 -25.88
C ASN A 147 -29.02 14.40 -24.40
N VAL A 148 -29.38 13.22 -23.90
CA VAL A 148 -29.15 12.85 -22.52
C VAL A 148 -28.15 11.68 -22.43
N LEU A 149 -27.81 11.27 -21.20
CA LEU A 149 -26.90 10.15 -20.97
C LEU A 149 -27.55 8.83 -21.38
N PRO A 150 -26.94 8.11 -22.34
CA PRO A 150 -27.55 6.85 -22.79
C PRO A 150 -27.39 5.74 -21.76
N GLN A 151 -28.33 4.81 -21.73
CA GLN A 151 -28.13 3.60 -20.96
C GLN A 151 -27.09 2.71 -21.65
N GLY A 152 -26.04 2.34 -20.92
CA GLY A 152 -25.05 1.43 -21.47
C GLY A 152 -23.82 2.11 -22.05
N TRP A 153 -23.86 3.43 -22.17
CA TRP A 153 -22.66 4.18 -22.49
C TRP A 153 -21.75 4.28 -21.27
N LYS A 154 -20.46 4.42 -21.54
CA LYS A 154 -19.40 4.30 -20.57
C LYS A 154 -19.41 5.42 -19.55
N GLY A 155 -19.88 6.60 -19.96
CA GLY A 155 -19.73 7.79 -19.14
C GLY A 155 -20.90 8.10 -18.20
N SER A 156 -21.98 7.34 -18.30
CA SER A 156 -23.24 7.74 -17.71
C SER A 156 -23.26 7.58 -16.20
N PRO A 157 -22.75 6.46 -15.68
CA PRO A 157 -22.66 6.34 -14.22
C PRO A 157 -21.95 7.52 -13.60
N ALA A 158 -20.83 7.92 -14.20
CA ALA A 158 -19.94 8.90 -13.59
C ALA A 158 -20.44 10.33 -13.77
N ILE A 159 -21.02 10.64 -14.93
CA ILE A 159 -21.53 11.97 -15.17
C ILE A 159 -22.84 12.17 -14.42
N PHE A 160 -23.63 11.10 -14.32
CA PHE A 160 -24.79 11.14 -13.47
C PHE A 160 -24.45 11.43 -12.01
N GLN A 161 -23.54 10.64 -11.45
CA GLN A 161 -23.27 10.77 -10.03
C GLN A 161 -22.74 12.16 -9.74
N SER A 162 -21.90 12.69 -10.63
CA SER A 162 -21.35 14.02 -10.40
C SER A 162 -22.39 15.13 -10.62
N SER A 163 -23.31 14.92 -11.55
CA SER A 163 -24.37 15.90 -11.73
C SER A 163 -25.20 16.02 -10.46
N MET A 164 -25.55 14.88 -9.87
CA MET A 164 -26.33 14.87 -8.65
C MET A 164 -25.54 15.52 -7.50
N THR A 165 -24.25 15.26 -7.46
CA THR A 165 -23.46 15.86 -6.40
C THR A 165 -23.48 17.37 -6.55
N LYS A 166 -23.44 17.85 -7.80
CA LYS A 166 -23.46 19.28 -8.05
C LYS A 166 -24.83 19.84 -7.63
N ILE A 167 -25.88 19.07 -7.86
CA ILE A 167 -27.22 19.51 -7.53
C ILE A 167 -27.50 19.49 -6.03
N LEU A 168 -27.10 18.40 -5.37
CA LEU A 168 -27.26 18.29 -3.92
C LEU A 168 -26.50 19.39 -3.19
N GLU A 169 -25.43 19.87 -3.81
CA GLU A 169 -24.47 20.71 -3.11
C GLU A 169 -25.12 21.83 -2.30
N PRO A 170 -25.79 22.78 -2.96
CA PRO A 170 -26.29 23.95 -2.21
C PRO A 170 -27.25 23.56 -1.10
N PHE A 171 -28.01 22.50 -1.30
CA PHE A 171 -28.95 22.03 -0.28
C PHE A 171 -28.19 21.47 0.92
N ARG A 172 -27.03 20.87 0.64
CA ARG A 172 -26.17 20.42 1.72
C ARG A 172 -25.68 21.63 2.50
N LYS A 173 -25.35 22.70 1.78
CA LYS A 173 -24.79 23.89 2.41
C LYS A 173 -25.77 24.46 3.44
N GLN A 174 -27.05 24.47 3.08
CA GLN A 174 -28.06 25.08 3.91
C GLN A 174 -28.58 24.10 4.96
N ASN A 175 -28.24 22.82 4.77
CA ASN A 175 -28.65 21.78 5.71
C ASN A 175 -27.46 20.93 6.09
N PRO A 176 -26.45 21.52 6.75
CA PRO A 176 -25.21 20.82 7.08
C PRO A 176 -25.42 19.62 8.01
N ASP A 177 -26.54 19.64 8.72
CA ASP A 177 -26.88 18.60 9.68
C ASP A 177 -27.53 17.38 9.04
N ILE A 178 -27.93 17.51 7.78
CA ILE A 178 -28.64 16.43 7.10
C ILE A 178 -27.70 15.51 6.33
N VAL A 179 -27.93 14.22 6.48
CA VAL A 179 -27.07 13.22 5.86
C VAL A 179 -27.69 12.67 4.58
N ILE A 180 -26.91 12.68 3.50
CA ILE A 180 -27.38 12.21 2.20
C ILE A 180 -26.38 11.26 1.57
N TYR A 181 -26.76 9.99 1.46
CA TYR A 181 -25.89 9.04 0.80
C TYR A 181 -26.36 8.83 -0.64
N GLN A 182 -25.49 9.13 -1.61
CA GLN A 182 -25.80 8.88 -3.02
C GLN A 182 -25.36 7.48 -3.41
N TYR A 183 -26.31 6.65 -3.80
CA TYR A 183 -25.98 5.33 -4.30
C TYR A 183 -26.75 5.00 -5.57
N MET A 184 -26.02 4.87 -6.67
CA MET A 184 -26.63 4.69 -7.97
C MET A 184 -27.72 5.74 -8.13
N ASP A 185 -28.96 5.34 -8.35
CA ASP A 185 -30.03 6.32 -8.47
C ASP A 185 -30.92 6.34 -7.24
N ASP A 186 -30.36 5.98 -6.09
CA ASP A 186 -31.04 6.17 -4.82
C ASP A 186 -30.39 7.27 -4.00
N LEU A 187 -31.20 7.95 -3.21
CA LEU A 187 -30.72 8.84 -2.18
C LEU A 187 -31.18 8.26 -0.86
N TYR A 188 -30.26 8.15 0.09
CA TYR A 188 -30.65 7.86 1.47
C TYR A 188 -30.44 9.11 2.30
N VAL A 189 -31.49 9.52 3.00
CA VAL A 189 -31.52 10.83 3.64
C VAL A 189 -31.91 10.66 5.11
N GLY A 190 -31.08 11.17 6.00
CA GLY A 190 -31.25 10.87 7.40
C GLY A 190 -31.03 12.08 8.29
N SER A 191 -31.79 12.15 9.37
CA SER A 191 -31.74 13.30 10.24
C SER A 191 -31.95 12.88 11.68
N ASP A 192 -31.72 13.83 12.58
CA ASP A 192 -32.06 13.67 13.99
C ASP A 192 -33.22 14.57 14.38
N LEU A 193 -33.98 15.02 13.38
CA LEU A 193 -35.21 15.79 13.59
C LEU A 193 -36.37 14.87 13.94
N GLU A 194 -37.44 15.45 14.45
CA GLU A 194 -38.66 14.69 14.78
C GLU A 194 -39.51 14.54 13.53
N ILE A 195 -40.37 13.52 13.50
CA ILE A 195 -41.03 13.12 12.25
C ILE A 195 -41.41 14.33 11.41
N GLY A 196 -42.28 15.18 11.94
CA GLY A 196 -42.80 16.31 11.20
C GLY A 196 -41.71 17.14 10.52
N GLN A 197 -40.75 17.62 11.32
CA GLN A 197 -39.68 18.44 10.76
C GLN A 197 -38.90 17.66 9.72
N HIS A 198 -38.81 16.34 9.91
CA HIS A 198 -38.11 15.47 8.99
C HIS A 198 -38.95 15.30 7.74
N ARG A 199 -40.25 15.07 7.95
CA ARG A 199 -41.19 14.96 6.84
C ARG A 199 -41.13 16.23 6.01
N THR A 200 -40.97 17.35 6.69
CA THR A 200 -40.88 18.66 6.08
C THR A 200 -39.59 18.79 5.28
N LYS A 201 -38.48 18.51 5.96
CA LYS A 201 -37.16 18.67 5.37
C LYS A 201 -37.03 17.79 4.12
N ILE A 202 -37.66 16.63 4.15
CA ILE A 202 -37.70 15.74 2.99
C ILE A 202 -38.40 16.38 1.79
N GLU A 203 -39.67 16.71 1.95
CA GLU A 203 -40.44 17.29 0.85
C GLU A 203 -39.81 18.59 0.34
N GLU A 204 -39.07 19.25 1.21
CA GLU A 204 -38.29 20.41 0.81
C GLU A 204 -37.07 20.01 -0.04
N LEU A 205 -36.52 18.83 0.23
CA LEU A 205 -35.41 18.30 -0.55
C LEU A 205 -35.92 17.77 -1.89
N ARG A 206 -37.06 17.08 -1.86
CA ARG A 206 -37.73 16.69 -3.09
C ARG A 206 -37.95 17.90 -4.00
N GLN A 207 -38.29 19.03 -3.37
CA GLN A 207 -38.62 20.24 -4.12
C GLN A 207 -37.37 20.82 -4.75
N HIS A 208 -36.27 20.82 -4.01
CA HIS A 208 -35.01 21.27 -4.57
C HIS A 208 -34.63 20.37 -5.73
N LEU A 209 -34.97 19.09 -5.61
CA LEU A 209 -34.60 18.14 -6.64
C LEU A 209 -35.37 18.43 -7.91
N LEU A 210 -36.68 18.67 -7.76
CA LEU A 210 -37.54 18.94 -8.90
C LEU A 210 -37.20 20.22 -9.64
N ARG A 211 -36.74 21.24 -8.92
CA ARG A 211 -36.34 22.47 -9.60
C ARG A 211 -35.22 22.13 -10.57
N TRP A 212 -34.62 20.96 -10.38
CA TRP A 212 -33.40 20.58 -11.09
C TRP A 212 -33.56 19.41 -12.05
N GLY A 213 -34.78 18.96 -12.24
CA GLY A 213 -35.03 17.97 -13.28
C GLY A 213 -35.23 16.58 -12.71
N LEU A 214 -35.24 16.47 -11.39
CA LEU A 214 -35.26 15.17 -10.75
C LEU A 214 -36.56 14.91 -10.00
N THR A 215 -37.32 13.95 -10.51
CA THR A 215 -38.55 13.50 -9.87
C THR A 215 -38.25 12.40 -8.85
N THR A 216 -38.99 12.39 -7.75
CA THR A 216 -38.72 11.48 -6.65
C THR A 216 -40.06 11.03 -6.11
N PRO A 217 -40.12 9.86 -5.47
CA PRO A 217 -41.40 9.41 -4.94
C PRO A 217 -41.93 10.35 -3.84
N ASP A 218 -43.25 10.45 -3.75
CA ASP A 218 -43.89 11.22 -2.69
C ASP A 218 -44.12 10.34 -1.47
N LYS A 219 -44.53 10.97 -0.38
CA LYS A 219 -44.62 10.30 0.90
C LYS A 219 -45.36 8.96 0.76
N LYS A 220 -46.41 8.94 -0.04
CA LYS A 220 -47.25 7.75 -0.15
C LYS A 220 -46.45 6.57 -0.67
N HIS A 221 -45.39 6.86 -1.42
CA HIS A 221 -44.68 5.83 -2.16
C HIS A 221 -43.26 5.56 -1.68
N GLN A 222 -42.84 6.25 -0.62
CA GLN A 222 -41.49 6.06 -0.08
C GLN A 222 -41.42 4.77 0.73
N LYS A 223 -40.38 3.98 0.47
CA LYS A 223 -40.31 2.64 1.03
C LYS A 223 -40.06 2.66 2.53
N GLU A 224 -40.24 1.50 3.16
CA GLU A 224 -40.16 1.37 4.61
C GLU A 224 -39.11 0.36 5.07
N PRO A 225 -38.63 0.51 6.32
CA PRO A 225 -37.66 -0.32 7.03
C PRO A 225 -38.13 -1.77 7.22
N PRO A 226 -37.18 -2.70 7.32
CA PRO A 226 -35.75 -2.41 7.17
C PRO A 226 -35.40 -2.13 5.71
N PHE A 227 -34.39 -1.30 5.50
CA PHE A 227 -33.89 -1.05 4.16
C PHE A 227 -32.93 -2.14 3.77
N LEU A 228 -33.13 -2.66 2.56
CA LEU A 228 -32.28 -3.71 2.03
C LEU A 228 -31.31 -3.07 1.08
N TRP A 229 -30.03 -3.18 1.36
CA TRP A 229 -29.03 -2.45 0.60
C TRP A 229 -27.69 -3.15 0.65
N MET A 230 -27.15 -3.49 -0.52
CA MET A 230 -25.81 -4.03 -0.63
C MET A 230 -25.67 -5.33 0.17
N GLY A 231 -26.77 -6.08 0.28
CA GLY A 231 -26.74 -7.33 1.00
C GLY A 231 -26.90 -7.18 2.50
N TYR A 232 -27.28 -5.98 2.93
CA TYR A 232 -27.51 -5.72 4.34
C TYR A 232 -28.96 -5.39 4.60
N GLU A 233 -29.39 -5.69 5.82
CA GLU A 233 -30.72 -5.38 6.28
C GLU A 233 -30.58 -4.31 7.38
N LEU A 234 -30.97 -3.08 7.09
CA LEU A 234 -30.65 -1.96 7.97
C LEU A 234 -31.86 -1.46 8.73
N HIS A 235 -32.07 -1.96 9.95
CA HIS A 235 -33.16 -1.49 10.79
C HIS A 235 -32.79 -0.20 11.52
N PRO A 236 -33.77 0.45 12.13
CA PRO A 236 -33.57 1.79 12.72
C PRO A 236 -32.47 1.93 13.76
N ASP A 237 -32.26 0.94 14.63
CA ASP A 237 -31.09 0.98 15.49
C ASP A 237 -30.33 -0.35 15.66
N LYS A 238 -30.36 -1.16 14.61
CA LYS A 238 -29.41 -2.25 14.46
C LYS A 238 -29.37 -2.69 13.01
N TRP A 239 -28.31 -3.38 12.61
CA TRP A 239 -28.15 -3.82 11.23
C TRP A 239 -27.74 -5.26 11.25
N THR A 240 -27.96 -5.98 10.16
CA THR A 240 -27.43 -7.33 10.03
C THR A 240 -27.23 -7.63 8.56
N VAL A 241 -26.72 -8.81 8.26
CA VAL A 241 -26.63 -9.22 6.87
C VAL A 241 -28.00 -9.74 6.41
N GLN A 242 -28.25 -9.65 5.10
CA GLN A 242 -29.50 -10.13 4.56
C GLN A 242 -29.61 -11.64 4.77
N PRO A 243 -30.85 -12.15 4.75
CA PRO A 243 -31.14 -13.50 5.25
C PRO A 243 -30.25 -14.54 4.58
N ILE A 244 -29.63 -15.38 5.40
CA ILE A 244 -28.68 -16.37 4.89
C ILE A 244 -29.14 -17.80 5.13
N VAL A 245 -29.38 -18.53 4.05
CA VAL A 245 -29.75 -19.94 4.18
C VAL A 245 -28.69 -20.90 3.64
N LEU A 246 -28.21 -21.78 4.52
CA LEU A 246 -27.24 -22.81 4.15
C LEU A 246 -27.97 -24.07 3.72
N PRO A 247 -27.91 -24.40 2.42
CA PRO A 247 -28.67 -25.55 1.90
C PRO A 247 -28.42 -26.84 2.70
N GLU A 248 -29.40 -27.72 2.69
CA GLU A 248 -29.17 -29.10 3.07
C GLU A 248 -28.95 -29.91 1.79
N LYS A 249 -27.84 -30.62 1.72
CA LYS A 249 -27.56 -31.44 0.55
C LYS A 249 -26.93 -32.78 0.93
N ASP A 250 -27.39 -33.83 0.27
CA ASP A 250 -26.81 -35.15 0.42
C ASP A 250 -25.37 -35.13 -0.09
N SER A 251 -25.10 -34.32 -1.09
CA SER A 251 -23.75 -34.24 -1.63
C SER A 251 -23.44 -32.87 -2.20
N TRP A 252 -22.17 -32.51 -2.15
CA TRP A 252 -21.74 -31.18 -2.55
C TRP A 252 -20.96 -31.19 -3.85
N THR A 253 -21.30 -30.25 -4.73
CA THR A 253 -20.51 -30.02 -5.93
C THR A 253 -19.60 -28.83 -5.67
N VAL A 254 -18.49 -28.77 -6.41
CA VAL A 254 -17.64 -27.58 -6.46
C VAL A 254 -18.44 -26.28 -6.34
N ASN A 255 -19.44 -26.14 -7.19
CA ASN A 255 -20.27 -24.94 -7.24
C ASN A 255 -21.09 -24.73 -5.96
N ASP A 256 -21.54 -25.82 -5.32
CA ASP A 256 -22.29 -25.70 -4.05
C ASP A 256 -21.39 -25.16 -2.94
N ILE A 257 -20.15 -25.61 -2.95
CA ILE A 257 -19.22 -25.28 -1.89
C ILE A 257 -18.72 -23.85 -2.04
N GLN A 258 -18.65 -23.38 -3.27
CA GLN A 258 -18.24 -22.01 -3.55
C GLN A 258 -19.27 -21.01 -3.05
N LYS A 259 -20.54 -21.39 -3.16
CA LYS A 259 -21.62 -20.50 -2.78
C LYS A 259 -21.79 -20.55 -1.26
N LEU A 260 -21.54 -21.72 -0.68
CA LEU A 260 -21.47 -21.86 0.77
C LEU A 260 -20.40 -20.94 1.35
N VAL A 261 -19.20 -21.00 0.80
CA VAL A 261 -18.10 -20.22 1.30
C VAL A 261 -18.34 -18.71 1.11
N GLY A 262 -18.95 -18.35 -0.02
CA GLY A 262 -19.34 -16.97 -0.24
C GLY A 262 -20.33 -16.45 0.78
N LYS A 263 -21.29 -17.28 1.17
CA LYS A 263 -22.28 -16.87 2.17
C LYS A 263 -21.67 -16.78 3.56
N LEU A 264 -20.82 -17.75 3.91
CA LEU A 264 -20.18 -17.78 5.22
C LEU A 264 -19.26 -16.57 5.37
N ASN A 265 -18.45 -16.32 4.33
CA ASN A 265 -17.57 -15.18 4.34
C ASN A 265 -18.36 -13.90 4.55
N TRP A 266 -19.54 -13.84 3.92
CA TRP A 266 -20.39 -12.65 4.04
C TRP A 266 -21.04 -12.60 5.43
N ALA A 267 -21.42 -13.75 5.97
CA ALA A 267 -22.02 -13.79 7.29
C ALA A 267 -20.98 -13.41 8.34
N SER A 268 -19.71 -13.64 8.02
CA SER A 268 -18.66 -13.47 9.01
C SER A 268 -18.43 -12.01 9.43
N GLN A 269 -19.10 -11.05 8.82
CA GLN A 269 -18.89 -9.67 9.26
C GLN A 269 -19.80 -9.27 10.41
N ILE A 270 -20.65 -10.20 10.85
CA ILE A 270 -21.42 -9.98 12.05
C ILE A 270 -21.67 -11.24 12.89
N TYR A 271 -21.70 -12.41 12.26
CA TYR A 271 -21.67 -13.66 13.03
C TYR A 271 -20.24 -14.04 13.42
N PRO A 272 -19.92 -13.95 14.74
CA PRO A 272 -18.56 -14.20 15.23
C PRO A 272 -18.21 -15.67 15.15
N GLY A 273 -16.95 -15.98 14.86
CA GLY A 273 -16.51 -17.36 14.91
C GLY A 273 -16.72 -18.23 13.67
N ILE A 274 -17.20 -17.65 12.57
CA ILE A 274 -17.35 -18.38 11.31
C ILE A 274 -15.99 -18.92 10.81
N LYS A 275 -15.97 -20.15 10.34
CA LYS A 275 -14.74 -20.71 9.78
C LYS A 275 -14.96 -21.35 8.42
N VAL A 276 -13.97 -21.21 7.53
CA VAL A 276 -14.08 -21.70 6.15
C VAL A 276 -12.82 -22.42 5.66
N ARG A 277 -11.82 -22.53 6.51
CA ARG A 277 -10.58 -23.20 6.15
C ARG A 277 -10.83 -24.60 5.59
N GLN A 278 -11.56 -25.42 6.32
CA GLN A 278 -11.71 -26.83 5.94
C GLN A 278 -12.57 -26.97 4.71
N LEU A 279 -13.47 -26.01 4.49
CA LEU A 279 -14.27 -25.98 3.28
C LEU A 279 -13.45 -25.50 2.08
N CYS A 280 -12.63 -24.48 2.27
CA CYS A 280 -11.73 -24.02 1.20
C CYS A 280 -10.72 -25.07 0.77
N LYS A 281 -10.30 -25.95 1.67
CA LYS A 281 -9.36 -27.00 1.30
C LYS A 281 -9.93 -27.92 0.23
N LEU A 282 -11.24 -28.19 0.32
CA LEU A 282 -11.91 -29.03 -0.67
C LEU A 282 -11.86 -28.41 -2.07
N LEU A 283 -11.76 -27.10 -2.13
CA LEU A 283 -11.79 -26.36 -3.38
C LEU A 283 -10.46 -26.45 -4.14
N ARG A 284 -9.45 -27.02 -3.50
CA ARG A 284 -8.09 -27.03 -4.06
C ARG A 284 -7.96 -27.91 -5.29
N GLY A 285 -7.02 -27.57 -6.17
CA GLY A 285 -6.86 -28.36 -7.39
C GLY A 285 -8.13 -28.35 -8.20
N THR A 286 -8.69 -27.14 -8.35
CA THR A 286 -10.09 -26.96 -8.71
C THR A 286 -10.51 -27.73 -9.96
N LYS A 287 -11.54 -28.56 -9.81
CA LYS A 287 -12.04 -29.39 -10.88
C LYS A 287 -13.34 -28.82 -11.44
N ALA A 288 -14.22 -29.69 -11.92
CA ALA A 288 -15.43 -29.26 -12.62
C ALA A 288 -16.48 -28.68 -11.65
N LEU A 289 -17.15 -27.63 -12.10
CA LEU A 289 -18.21 -27.00 -11.31
C LEU A 289 -19.29 -27.99 -10.87
N THR A 290 -19.61 -28.92 -11.75
CA THR A 290 -20.66 -29.92 -11.52
C THR A 290 -20.16 -31.07 -10.67
N GLU A 291 -18.84 -31.13 -10.50
CA GLU A 291 -18.23 -32.26 -9.81
C GLU A 291 -18.64 -32.38 -8.34
N VAL A 292 -18.96 -33.59 -7.91
CA VAL A 292 -19.19 -33.86 -6.49
C VAL A 292 -17.88 -33.98 -5.72
N ILE A 293 -17.78 -33.25 -4.62
CA ILE A 293 -16.66 -33.42 -3.72
C ILE A 293 -17.18 -33.96 -2.40
N PRO A 294 -16.73 -35.16 -2.00
CA PRO A 294 -17.11 -35.67 -0.70
C PRO A 294 -16.46 -34.86 0.45
N LEU A 295 -17.24 -34.60 1.49
CA LEU A 295 -16.72 -33.79 2.59
C LEU A 295 -15.79 -34.59 3.50
N THR A 296 -14.62 -34.03 3.79
CA THR A 296 -13.76 -34.54 4.85
C THR A 296 -14.51 -34.43 6.17
N GLU A 297 -14.01 -35.13 7.19
CA GLU A 297 -14.65 -35.09 8.50
C GLU A 297 -14.41 -33.72 9.15
N GLU A 298 -13.28 -33.10 8.80
CA GLU A 298 -12.92 -31.78 9.30
C GLU A 298 -13.77 -30.69 8.67
N ALA A 299 -14.07 -30.84 7.38
CA ALA A 299 -14.95 -29.91 6.70
C ALA A 299 -16.37 -30.09 7.22
N GLU A 300 -16.69 -31.31 7.62
CA GLU A 300 -18.02 -31.63 8.12
C GLU A 300 -18.16 -31.04 9.53
N LEU A 301 -17.12 -31.18 10.33
CA LEU A 301 -17.09 -30.56 11.64
C LEU A 301 -17.27 -29.05 11.48
N GLU A 302 -16.53 -28.45 10.55
CA GLU A 302 -16.60 -27.02 10.33
C GLU A 302 -18.00 -26.55 9.88
N LEU A 303 -18.58 -27.21 8.90
CA LEU A 303 -19.92 -26.87 8.45
C LEU A 303 -20.89 -26.92 9.64
N ALA A 304 -20.74 -27.95 10.48
CA ALA A 304 -21.63 -28.16 11.61
C ALA A 304 -21.54 -26.98 12.60
N GLU A 305 -20.33 -26.57 12.93
CA GLU A 305 -20.12 -25.46 13.84
C GLU A 305 -20.60 -24.12 13.28
N ASN A 306 -20.38 -23.90 11.98
CA ASN A 306 -20.91 -22.72 11.30
C ASN A 306 -22.42 -22.79 11.36
N ARG A 307 -22.94 -24.00 11.30
CA ARG A 307 -24.39 -24.20 11.24
C ARG A 307 -25.02 -23.74 12.56
N GLU A 308 -24.35 -24.05 13.67
CA GLU A 308 -24.82 -23.64 14.99
C GLU A 308 -24.72 -22.13 15.16
N ILE A 309 -23.61 -21.55 14.72
CA ILE A 309 -23.40 -20.12 14.83
C ILE A 309 -24.53 -19.35 14.15
N LEU A 310 -24.96 -19.84 12.99
CA LEU A 310 -25.95 -19.14 12.18
C LEU A 310 -27.35 -19.49 12.63
N LYS A 311 -27.43 -20.38 13.60
CA LYS A 311 -28.70 -20.93 14.09
C LYS A 311 -29.61 -19.81 14.61
N GLU A 312 -29.05 -18.93 15.44
CA GLU A 312 -29.83 -17.86 16.04
C GLU A 312 -29.36 -16.48 15.56
N PRO A 313 -30.30 -15.65 15.09
CA PRO A 313 -30.05 -14.36 14.44
C PRO A 313 -29.23 -13.41 15.30
N VAL A 314 -28.16 -12.87 14.71
CA VAL A 314 -27.29 -11.92 15.39
C VAL A 314 -27.45 -10.57 14.72
N HIS A 315 -27.22 -9.50 15.45
CA HIS A 315 -27.25 -8.20 14.81
C HIS A 315 -26.13 -7.26 15.23
N GLY A 316 -25.94 -6.21 14.43
CA GLY A 316 -24.89 -5.26 14.70
C GLY A 316 -25.43 -3.90 15.11
N VAL A 317 -24.56 -3.10 15.71
CA VAL A 317 -24.95 -1.80 16.21
C VAL A 317 -24.34 -0.73 15.31
N TYR A 318 -24.80 0.52 15.46
CA TYR A 318 -24.28 1.63 14.67
C TYR A 318 -23.30 2.44 15.51
N TYR A 319 -22.65 3.40 14.89
CA TYR A 319 -21.47 4.03 15.44
C TYR A 319 -21.81 5.32 16.17
N ASP A 320 -21.37 5.41 17.42
CA ASP A 320 -21.48 6.65 18.18
C ASP A 320 -20.09 7.24 18.29
N PRO A 321 -19.82 8.31 17.56
CA PRO A 321 -18.47 8.90 17.47
C PRO A 321 -17.92 9.45 18.78
N SER A 322 -18.77 9.55 19.79
CA SER A 322 -18.35 10.09 21.09
C SER A 322 -17.71 9.01 21.95
N LYS A 323 -18.16 7.76 21.77
CA LYS A 323 -17.56 6.63 22.48
C LYS A 323 -16.29 6.13 21.81
N ASP A 324 -15.56 5.28 22.52
CA ASP A 324 -14.32 4.73 21.99
C ASP A 324 -14.53 3.44 21.21
N LEU A 325 -13.48 3.04 20.49
CA LEU A 325 -13.51 1.88 19.63
C LEU A 325 -12.59 0.80 20.20
N ILE A 326 -13.14 -0.35 20.58
CA ILE A 326 -12.31 -1.43 21.11
C ILE A 326 -12.31 -2.60 20.12
N ALA A 327 -11.15 -3.26 19.93
CA ALA A 327 -11.07 -4.42 19.05
C ALA A 327 -10.39 -5.59 19.74
N GLU A 328 -11.03 -6.75 19.71
CA GLU A 328 -10.51 -7.95 20.35
C GLU A 328 -10.26 -9.03 19.29
N ILE A 329 -9.17 -9.75 19.45
CA ILE A 329 -8.81 -10.80 18.51
C ILE A 329 -8.64 -12.11 19.26
N GLN A 330 -9.11 -13.21 18.67
CA GLN A 330 -8.85 -14.54 19.23
C GLN A 330 -8.23 -15.44 18.19
N LYS A 331 -7.27 -16.26 18.63
CA LYS A 331 -6.76 -17.35 17.83
C LYS A 331 -7.83 -18.42 17.73
N GLN A 332 -8.02 -18.95 16.54
CA GLN A 332 -8.97 -20.04 16.30
C GLN A 332 -8.28 -21.28 15.76
N GLY A 333 -6.98 -21.20 15.54
CA GLY A 333 -6.21 -22.39 15.24
C GLY A 333 -5.98 -22.59 13.75
N GLN A 334 -4.77 -23.01 13.42
CA GLN A 334 -4.38 -23.23 12.03
C GLN A 334 -4.47 -21.94 11.24
N GLY A 335 -3.76 -20.91 11.70
CA GLY A 335 -3.70 -19.67 10.98
C GLY A 335 -5.02 -18.91 10.93
N GLN A 336 -6.02 -19.41 11.67
CA GLN A 336 -7.32 -18.77 11.68
C GLN A 336 -7.50 -17.81 12.85
N TRP A 337 -7.97 -16.61 12.55
CA TRP A 337 -8.16 -15.58 13.57
C TRP A 337 -9.53 -14.95 13.40
N THR A 338 -10.09 -14.49 14.52
CA THR A 338 -11.42 -13.94 14.49
C THR A 338 -11.39 -12.67 15.34
N TYR A 339 -12.19 -11.67 14.97
CA TYR A 339 -12.22 -10.44 15.75
C TYR A 339 -13.60 -9.82 15.90
N GLN A 340 -13.75 -9.01 16.93
CA GLN A 340 -15.00 -8.31 17.20
C GLN A 340 -14.62 -6.86 17.45
N ILE A 341 -15.49 -5.96 17.04
CA ILE A 341 -15.26 -4.56 17.28
C ILE A 341 -16.50 -3.95 17.88
N TYR A 342 -16.35 -3.40 19.08
CA TYR A 342 -17.49 -2.83 19.78
C TYR A 342 -17.07 -1.52 20.39
N GLN A 343 -18.04 -0.77 20.91
CA GLN A 343 -17.75 0.43 21.66
C GLN A 343 -18.14 0.23 23.12
N GLU A 344 -19.25 -0.46 23.32
CA GLU A 344 -19.71 -0.83 24.63
C GLU A 344 -19.81 -2.36 24.64
N PRO A 345 -19.13 -3.01 25.60
CA PRO A 345 -19.10 -4.48 25.61
C PRO A 345 -20.50 -5.00 25.90
N PHE A 346 -20.88 -6.11 25.28
CA PHE A 346 -20.19 -6.66 24.12
C PHE A 346 -21.09 -6.54 22.92
N LYS A 347 -21.49 -5.30 22.62
CA LYS A 347 -22.42 -5.02 21.54
C LYS A 347 -21.64 -4.64 20.29
N ASN A 348 -21.49 -5.58 19.38
CA ASN A 348 -20.57 -5.39 18.26
C ASN A 348 -21.06 -4.44 17.20
N LEU A 349 -20.20 -3.51 16.80
CA LEU A 349 -20.39 -2.84 15.53
C LEU A 349 -20.23 -3.86 14.41
N LYS A 350 -19.10 -4.57 14.38
CA LYS A 350 -18.94 -5.62 13.37
C LYS A 350 -18.00 -6.72 13.86
N THR A 351 -17.93 -7.82 13.12
CA THR A 351 -16.94 -8.85 13.41
C THR A 351 -16.14 -9.12 12.16
N GLY A 352 -15.17 -10.01 12.28
CA GLY A 352 -14.41 -10.43 11.12
C GLY A 352 -13.54 -11.64 11.39
N LYS A 353 -12.84 -12.09 10.35
CA LYS A 353 -11.83 -13.12 10.51
C LYS A 353 -10.63 -12.79 9.62
N TYR A 354 -9.51 -13.43 9.95
CA TYR A 354 -8.29 -13.25 9.19
C TYR A 354 -7.63 -14.62 9.15
N ALA A 355 -7.20 -15.03 7.97
CA ALA A 355 -6.62 -16.36 7.82
C ALA A 355 -5.28 -16.24 7.11
N ARG A 356 -5.12 -15.20 6.31
CA ARG A 356 -4.00 -15.10 5.39
C ARG A 356 -2.70 -15.67 5.94
N MET A 357 -1.95 -16.30 5.05
CA MET A 357 -0.60 -16.76 5.34
C MET A 357 0.39 -15.84 4.63
N ARG A 358 0.97 -14.91 5.36
CA ARG A 358 2.04 -14.10 4.79
C ARG A 358 3.37 -14.83 4.92
N GLY A 359 3.76 -15.52 3.86
CA GLY A 359 4.99 -16.30 3.88
C GLY A 359 4.74 -17.80 3.84
N ALA A 360 5.83 -18.57 3.82
CA ALA A 360 5.74 -20.03 3.83
C ALA A 360 5.83 -20.53 5.26
N HIS A 361 6.59 -19.83 6.09
CA HIS A 361 6.73 -20.22 7.48
C HIS A 361 6.48 -19.00 8.36
N THR A 362 5.69 -19.18 9.40
CA THR A 362 5.49 -18.14 10.41
C THR A 362 5.34 -18.68 11.80
N ASN A 363 5.13 -17.74 12.72
CA ASN A 363 4.72 -18.05 14.06
C ASN A 363 3.50 -17.20 14.41
N ASP A 364 2.85 -17.55 15.51
CA ASP A 364 1.65 -16.85 15.93
C ASP A 364 1.87 -15.36 16.17
N VAL A 365 3.05 -14.98 16.69
CA VAL A 365 3.27 -13.58 16.96
C VAL A 365 3.24 -12.75 15.66
N LYS A 366 3.76 -13.30 14.56
CA LYS A 366 3.72 -12.62 13.27
C LYS A 366 2.29 -12.53 12.72
N GLN A 367 1.56 -13.63 12.77
CA GLN A 367 0.19 -13.60 12.33
C GLN A 367 -0.68 -12.62 13.15
N LEU A 368 -0.50 -12.59 14.45
CA LEU A 368 -1.30 -11.71 15.28
C LEU A 368 -1.08 -10.25 14.86
N THR A 369 0.18 -9.86 14.75
CA THR A 369 0.54 -8.54 14.29
C THR A 369 0.01 -8.21 12.90
N GLU A 370 0.02 -9.17 11.99
CA GLU A 370 -0.55 -8.95 10.66
C GLU A 370 -2.05 -8.69 10.73
N ALA A 371 -2.75 -9.52 11.49
CA ALA A 371 -4.18 -9.30 11.76
C ALA A 371 -4.47 -7.91 12.36
N VAL A 372 -3.62 -7.47 13.28
CA VAL A 372 -3.75 -6.11 13.81
C VAL A 372 -3.58 -5.02 12.75
N GLN A 373 -2.64 -5.22 11.82
CA GLN A 373 -2.46 -4.23 10.77
C GLN A 373 -3.71 -4.18 9.91
N LYS A 374 -4.22 -5.36 9.58
CA LYS A 374 -5.43 -5.45 8.77
C LYS A 374 -6.58 -4.72 9.44
N ILE A 375 -6.80 -5.00 10.73
CA ILE A 375 -7.90 -4.40 11.44
C ILE A 375 -7.71 -2.88 11.62
N THR A 376 -6.46 -2.46 11.76
CA THR A 376 -6.17 -1.04 11.83
C THR A 376 -6.56 -0.33 10.52
N THR A 377 -6.13 -0.87 9.39
CA THR A 377 -6.48 -0.26 8.12
C THR A 377 -7.99 -0.16 7.97
N GLU A 378 -8.67 -1.28 8.19
CA GLU A 378 -10.12 -1.34 8.12
C GLU A 378 -10.78 -0.29 9.03
N SER A 379 -10.24 -0.11 10.23
CA SER A 379 -10.79 0.87 11.15
C SER A 379 -10.66 2.28 10.61
N ILE A 380 -9.49 2.61 10.07
CA ILE A 380 -9.26 3.93 9.48
C ILE A 380 -10.30 4.17 8.37
N VAL A 381 -10.48 3.19 7.50
CA VAL A 381 -11.48 3.29 6.44
C VAL A 381 -12.87 3.55 6.99
N ILE A 382 -13.28 2.75 7.96
CA ILE A 382 -14.67 2.76 8.38
C ILE A 382 -15.01 3.86 9.38
N TRP A 383 -14.11 4.14 10.32
CA TRP A 383 -14.41 5.12 11.37
C TRP A 383 -13.46 6.32 11.35
N GLY A 384 -12.36 6.20 10.64
CA GLY A 384 -11.44 7.32 10.58
C GLY A 384 -10.56 7.41 11.80
N LYS A 385 -10.57 6.36 12.62
CA LYS A 385 -9.56 6.22 13.64
C LYS A 385 -9.22 4.75 13.94
N THR A 386 -8.09 4.55 14.61
CA THR A 386 -7.65 3.22 14.98
C THR A 386 -8.30 2.82 16.30
N PRO A 387 -8.60 1.54 16.47
CA PRO A 387 -9.23 1.09 17.71
C PRO A 387 -8.20 0.89 18.81
N LYS A 388 -8.68 0.70 20.03
CA LYS A 388 -7.88 0.17 21.12
C LYS A 388 -7.97 -1.34 21.07
N PHE A 389 -6.84 -2.02 20.87
CA PHE A 389 -6.84 -3.48 20.79
C PHE A 389 -6.76 -4.20 22.14
N LYS A 390 -7.44 -5.34 22.24
CA LYS A 390 -7.29 -6.26 23.35
C LYS A 390 -6.77 -7.57 22.77
N LEU A 391 -5.54 -7.92 23.11
CA LEU A 391 -4.87 -9.03 22.43
C LEU A 391 -4.52 -10.20 23.36
N PRO A 392 -4.62 -11.42 22.83
CA PRO A 392 -4.35 -12.67 23.55
C PRO A 392 -2.86 -13.02 23.63
N ILE A 393 -2.04 -12.08 24.06
CA ILE A 393 -0.60 -12.31 24.12
C ILE A 393 -0.05 -11.40 25.20
N GLN A 394 0.95 -11.87 25.95
CA GLN A 394 1.51 -11.09 27.05
C GLN A 394 2.35 -9.95 26.53
N LYS A 395 2.34 -8.83 27.23
CA LYS A 395 3.17 -7.70 26.84
C LYS A 395 4.64 -8.10 26.73
N GLU A 396 5.05 -9.10 27.52
CA GLU A 396 6.45 -9.54 27.52
C GLU A 396 6.79 -10.48 26.36
N THR A 397 5.87 -11.39 26.07
CA THR A 397 6.01 -12.22 24.89
C THR A 397 6.26 -11.33 23.68
N TRP A 398 5.42 -10.30 23.53
CA TRP A 398 5.44 -9.48 22.33
C TRP A 398 6.70 -8.62 22.33
N GLU A 399 6.98 -8.00 23.47
CA GLU A 399 8.20 -7.22 23.66
C GLU A 399 9.45 -8.05 23.32
N THR A 400 9.51 -9.28 23.81
CA THR A 400 10.65 -10.14 23.56
C THR A 400 10.81 -10.40 22.07
N TRP A 401 9.73 -10.77 21.41
CA TRP A 401 9.82 -11.15 20.02
C TRP A 401 10.24 -9.98 19.14
N TRP A 402 9.55 -8.85 19.26
CA TRP A 402 9.73 -7.80 18.26
C TRP A 402 10.97 -6.96 18.43
N THR A 403 11.50 -6.88 19.64
CA THR A 403 12.78 -6.20 19.82
C THR A 403 13.90 -7.04 19.22
N GLU A 404 13.72 -8.36 19.20
CA GLU A 404 14.78 -9.26 18.73
C GLU A 404 14.70 -9.55 17.23
N TYR A 405 13.51 -9.47 16.65
CA TYR A 405 13.30 -9.79 15.24
C TYR A 405 13.94 -8.71 14.36
N TRP A 406 14.33 -9.04 13.14
CA TRP A 406 15.01 -8.05 12.29
C TRP A 406 14.10 -7.04 11.58
N GLN A 407 12.84 -7.37 11.38
CA GLN A 407 11.90 -6.44 10.76
C GLN A 407 11.36 -5.46 11.80
N ALA A 408 11.03 -4.25 11.35
CA ALA A 408 10.43 -3.26 12.23
C ALA A 408 8.93 -3.53 12.40
N THR A 409 8.36 -3.13 13.53
CA THR A 409 6.91 -3.08 13.62
C THR A 409 6.38 -2.11 14.67
N TRP A 410 5.06 -2.01 14.75
CA TRP A 410 4.44 -1.13 15.72
C TRP A 410 2.93 -1.21 15.64
N ILE A 411 2.32 -1.91 16.59
CA ILE A 411 0.87 -1.90 16.68
C ILE A 411 0.40 -0.79 17.61
N PRO A 412 -0.77 -0.22 17.33
CA PRO A 412 -1.35 0.85 18.16
C PRO A 412 -1.54 0.35 19.60
N GLU A 413 -2.07 1.23 20.45
CA GLU A 413 -2.31 0.93 21.85
C GLU A 413 -3.11 -0.37 22.05
N TRP A 414 -2.50 -1.31 22.74
CA TRP A 414 -3.20 -2.54 23.09
C TRP A 414 -2.98 -2.92 24.54
N GLU A 415 -3.77 -3.87 25.00
CA GLU A 415 -3.55 -4.43 26.30
C GLU A 415 -3.93 -5.90 26.26
N PHE A 416 -3.35 -6.66 27.19
CA PHE A 416 -3.46 -8.11 27.20
C PHE A 416 -4.80 -8.49 27.74
N VAL A 417 -5.40 -9.51 27.13
CA VAL A 417 -6.65 -10.05 27.62
C VAL A 417 -6.47 -11.54 27.61
N ASN A 418 -6.91 -12.18 28.69
CA ASN A 418 -6.67 -13.61 28.87
C ASN A 418 -7.76 -14.40 28.18
N THR A 419 -7.61 -14.58 26.88
CA THR A 419 -8.58 -15.34 26.12
C THR A 419 -7.89 -16.47 25.37
N PRO A 420 -7.63 -17.59 26.06
CA PRO A 420 -6.91 -18.70 25.42
C PRO A 420 -7.61 -19.14 24.13
N PRO A 421 -6.86 -19.77 23.21
CA PRO A 421 -5.41 -19.96 23.35
C PRO A 421 -4.62 -18.65 23.30
N LEU A 422 -3.62 -18.54 24.16
CA LEU A 422 -2.73 -17.40 24.16
C LEU A 422 -1.63 -17.60 23.12
N VAL A 423 -1.16 -16.51 22.52
CA VAL A 423 -0.02 -16.61 21.64
C VAL A 423 1.28 -16.47 22.40
N LYS A 424 2.15 -17.46 22.21
CA LYS A 424 3.40 -17.57 22.92
C LYS A 424 4.48 -17.98 21.94
N LEU A 425 5.73 -17.81 22.31
CA LEU A 425 6.82 -18.37 21.53
C LEU A 425 7.18 -19.76 22.06
N TRP A 426 7.34 -20.72 21.15
CA TRP A 426 7.47 -22.12 21.51
C TRP A 426 8.90 -22.61 21.77
N TYR A 427 9.87 -21.83 21.28
CA TYR A 427 11.27 -22.05 21.57
C TYR A 427 11.98 -20.75 21.27
N GLN A 428 13.19 -20.59 21.78
CA GLN A 428 14.03 -19.47 21.43
C GLN A 428 15.39 -20.08 21.12
N LEU A 429 16.01 -19.64 20.04
CA LEU A 429 17.39 -20.03 19.80
C LEU A 429 18.27 -19.35 20.84
N GLU A 430 19.52 -19.79 20.95
CA GLU A 430 20.42 -19.23 21.95
C GLU A 430 21.19 -18.07 21.35
N LYS A 431 21.68 -17.19 22.23
CA LYS A 431 22.48 -16.03 21.80
C LYS A 431 23.92 -16.46 21.58
N GLU A 432 24.36 -17.42 22.38
CA GLU A 432 25.77 -17.78 22.46
C GLU A 432 25.98 -19.28 22.25
N PRO A 433 27.13 -19.67 21.70
CA PRO A 433 27.46 -21.10 21.57
C PRO A 433 27.34 -21.75 22.93
N ILE A 434 26.93 -23.01 22.95
CA ILE A 434 26.77 -23.71 24.22
C ILE A 434 28.02 -24.50 24.60
N VAL A 435 28.53 -24.24 25.80
CA VAL A 435 29.60 -25.04 26.36
C VAL A 435 29.06 -26.38 26.83
N GLY A 436 29.76 -27.45 26.46
CA GLY A 436 29.41 -28.77 26.97
C GLY A 436 28.43 -29.46 26.06
N ALA A 437 28.12 -28.80 24.95
CA ALA A 437 27.21 -29.36 23.96
C ALA A 437 27.96 -29.74 22.67
N GLU A 438 27.50 -30.82 22.07
CA GLU A 438 28.13 -31.38 20.87
C GLU A 438 27.88 -30.45 19.69
N THR A 439 28.95 -30.09 19.00
CA THR A 439 28.87 -29.23 17.83
C THR A 439 28.74 -30.04 16.53
N PHE A 440 27.58 -29.96 15.88
CA PHE A 440 27.36 -30.58 14.57
C PHE A 440 27.65 -29.64 13.42
N TYR A 441 28.56 -30.02 12.54
CA TYR A 441 28.74 -29.31 11.29
C TYR A 441 27.96 -30.02 10.21
N VAL A 442 26.87 -29.41 9.74
CA VAL A 442 25.97 -30.08 8.82
C VAL A 442 26.18 -29.53 7.42
N ASP A 443 25.72 -30.28 6.43
CA ASP A 443 25.78 -29.81 5.07
C ASP A 443 24.90 -30.64 4.15
N GLY A 444 24.57 -30.06 3.01
CA GLY A 444 23.64 -30.71 2.10
C GLY A 444 24.08 -30.46 0.67
N ALA A 445 23.53 -31.24 -0.26
CA ALA A 445 23.88 -31.11 -1.66
C ALA A 445 22.85 -31.80 -2.53
N ALA A 446 22.58 -31.21 -3.69
CA ALA A 446 21.73 -31.83 -4.69
C ALA A 446 22.34 -31.63 -6.07
N ASN A 447 22.46 -32.72 -6.81
CA ASN A 447 22.96 -32.68 -8.18
C ASN A 447 21.84 -32.12 -9.06
N ARG A 448 22.11 -31.00 -9.73
CA ARG A 448 21.05 -30.24 -10.40
C ARG A 448 20.38 -31.02 -11.52
N GLU A 449 21.14 -31.91 -12.17
CA GLU A 449 20.63 -32.65 -13.32
C GLU A 449 19.96 -33.97 -12.91
N THR A 450 20.54 -34.65 -11.92
CA THR A 450 19.99 -35.91 -11.43
C THR A 450 18.96 -35.67 -10.34
N LYS A 451 19.07 -34.51 -9.70
CA LYS A 451 18.16 -34.13 -8.62
C LYS A 451 18.30 -35.03 -7.40
N LEU A 452 19.34 -35.85 -7.38
CA LEU A 452 19.60 -36.71 -6.23
C LEU A 452 20.47 -35.95 -5.23
N GLY A 453 20.29 -36.22 -3.94
CA GLY A 453 21.02 -35.46 -2.94
C GLY A 453 21.41 -36.19 -1.66
N LYS A 454 22.59 -35.86 -1.16
CA LYS A 454 23.06 -36.39 0.12
C LYS A 454 22.93 -35.33 1.22
N ALA A 455 22.75 -35.78 2.46
CA ALA A 455 22.69 -34.88 3.60
C ALA A 455 23.33 -35.55 4.82
N GLY A 456 23.98 -34.76 5.67
CA GLY A 456 24.64 -35.35 6.83
C GLY A 456 25.42 -34.39 7.70
N TYR A 457 26.13 -34.92 8.69
CA TYR A 457 26.85 -34.09 9.64
C TYR A 457 28.18 -34.70 10.05
N VAL A 458 29.05 -33.85 10.58
CA VAL A 458 30.28 -34.27 11.24
C VAL A 458 30.31 -33.62 12.63
N THR A 459 30.91 -34.30 13.59
CA THR A 459 30.92 -33.83 14.97
C THR A 459 32.31 -33.53 15.54
N ASN A 460 32.36 -32.74 16.60
CA ASN A 460 33.60 -32.46 17.31
C ASN A 460 33.93 -33.64 18.23
N ARG A 461 32.96 -34.52 18.41
CA ARG A 461 33.11 -35.74 19.16
C ARG A 461 33.36 -36.90 18.19
N GLY A 462 33.77 -36.56 16.97
CA GLY A 462 34.14 -37.58 16.01
C GLY A 462 32.99 -38.30 15.35
N ARG A 463 31.76 -38.04 15.80
CA ARG A 463 30.59 -38.69 15.20
C ARG A 463 30.36 -38.22 13.78
N GLN A 464 29.56 -38.98 13.04
CA GLN A 464 29.39 -38.76 11.61
C GLN A 464 28.24 -39.59 11.07
N LYS A 465 27.65 -39.14 9.97
CA LYS A 465 26.45 -39.78 9.42
C LYS A 465 26.00 -39.04 8.19
N VAL A 466 25.68 -39.78 7.13
CA VAL A 466 25.21 -39.17 5.89
C VAL A 466 24.16 -40.06 5.25
N VAL A 467 23.15 -39.44 4.65
CA VAL A 467 22.03 -40.17 4.07
C VAL A 467 21.74 -39.73 2.64
N THR A 468 20.96 -40.53 1.92
CA THR A 468 20.67 -40.25 0.52
C THR A 468 19.25 -39.72 0.37
N LEU A 469 19.06 -38.84 -0.60
CA LEU A 469 17.76 -38.20 -0.80
C LEU A 469 17.38 -38.18 -2.28
N THR A 470 16.21 -38.71 -2.61
CA THR A 470 15.81 -38.84 -4.01
C THR A 470 14.97 -37.66 -4.48
N ASP A 471 15.32 -37.11 -5.63
CA ASP A 471 14.59 -35.99 -6.20
C ASP A 471 14.33 -34.91 -5.15
N THR A 472 15.39 -34.17 -4.81
CA THR A 472 15.29 -33.02 -3.92
C THR A 472 16.04 -31.84 -4.53
N THR A 473 16.13 -30.76 -3.77
CA THR A 473 16.79 -29.54 -4.22
C THR A 473 17.85 -29.16 -3.20
N ASN A 474 18.84 -28.37 -3.63
CA ASN A 474 19.90 -27.96 -2.72
C ASN A 474 19.34 -27.38 -1.43
N GLN A 475 18.21 -26.70 -1.53
CA GLN A 475 17.59 -26.14 -0.35
C GLN A 475 17.04 -27.24 0.54
N LYS A 476 16.34 -28.19 -0.06
CA LYS A 476 15.67 -29.23 0.70
C LYS A 476 16.69 -30.03 1.53
N THR A 477 17.86 -30.30 0.97
CA THR A 477 18.84 -31.12 1.65
C THR A 477 19.46 -30.41 2.85
N GLU A 478 19.64 -29.11 2.75
CA GLU A 478 20.29 -28.34 3.78
C GLU A 478 19.41 -28.27 5.03
N LEU A 479 18.11 -28.38 4.82
CA LEU A 479 17.18 -28.51 5.93
C LEU A 479 17.15 -29.94 6.48
N GLN A 480 17.34 -30.91 5.59
CA GLN A 480 17.44 -32.31 5.97
C GLN A 480 18.63 -32.51 6.91
N ALA A 481 19.73 -31.87 6.55
CA ALA A 481 20.96 -31.96 7.32
C ALA A 481 20.77 -31.40 8.72
N ILE A 482 20.09 -30.25 8.80
CA ILE A 482 19.77 -29.68 10.11
C ILE A 482 18.83 -30.59 10.89
N TYR A 483 17.84 -31.14 10.23
CA TYR A 483 16.91 -32.06 10.88
C TYR A 483 17.63 -33.30 11.40
N LEU A 484 18.57 -33.83 10.60
CA LEU A 484 19.35 -34.97 11.03
C LEU A 484 20.03 -34.66 12.34
N ALA A 485 20.70 -33.52 12.37
CA ALA A 485 21.50 -33.11 13.51
C ALA A 485 20.65 -32.97 14.76
N LEU A 486 19.41 -32.53 14.61
CA LEU A 486 18.52 -32.45 15.76
C LEU A 486 18.09 -33.83 16.27
N GLN A 487 17.74 -34.72 15.35
CA GLN A 487 17.32 -36.08 15.71
C GLN A 487 18.39 -36.84 16.52
N ASP A 488 19.65 -36.65 16.14
CA ASP A 488 20.73 -37.46 16.68
C ASP A 488 21.47 -36.76 17.79
N SER A 489 20.97 -35.59 18.19
CA SER A 489 21.67 -34.81 19.21
C SER A 489 20.95 -34.92 20.53
N GLY A 490 21.62 -34.48 21.59
CA GLY A 490 21.00 -34.45 22.91
C GLY A 490 20.15 -33.21 23.07
N LEU A 491 19.78 -32.92 24.32
CA LEU A 491 18.92 -31.79 24.61
C LEU A 491 19.60 -30.44 24.34
N GLU A 492 20.93 -30.42 24.33
CA GLU A 492 21.64 -29.20 23.98
C GLU A 492 22.55 -29.41 22.76
N VAL A 493 22.56 -28.47 21.83
CA VAL A 493 23.27 -28.65 20.58
C VAL A 493 23.76 -27.35 19.98
N ASN A 494 24.98 -27.36 19.48
CA ASN A 494 25.37 -26.30 18.56
C ASN A 494 25.24 -26.89 17.16
N ILE A 495 24.81 -26.06 16.21
CA ILE A 495 24.74 -26.53 14.84
C ILE A 495 25.37 -25.51 13.92
N VAL A 496 26.18 -26.00 12.99
CA VAL A 496 26.86 -25.13 12.05
C VAL A 496 26.46 -25.50 10.64
N THR A 497 25.91 -24.54 9.92
CA THR A 497 25.49 -24.75 8.54
C THR A 497 26.10 -23.66 7.67
N ASP A 498 26.16 -23.89 6.36
CA ASP A 498 26.53 -22.82 5.44
C ASP A 498 25.36 -22.39 4.60
N SER A 499 24.16 -22.81 5.01
CA SER A 499 22.94 -22.43 4.30
C SER A 499 22.29 -21.19 4.93
N GLN A 500 22.48 -20.03 4.31
CA GLN A 500 21.79 -18.82 4.71
C GLN A 500 20.28 -19.07 4.65
N TYR A 501 19.89 -19.88 3.67
CA TYR A 501 18.49 -20.19 3.49
C TYR A 501 17.92 -20.95 4.68
N ALA A 502 18.65 -21.92 5.21
CA ALA A 502 18.15 -22.63 6.39
C ALA A 502 18.21 -21.72 7.60
N LEU A 503 19.32 -21.00 7.75
CA LEU A 503 19.48 -20.06 8.84
C LEU A 503 18.26 -19.12 8.91
N GLY A 504 17.99 -18.45 7.79
CA GLY A 504 16.92 -17.47 7.77
C GLY A 504 15.60 -18.05 8.25
N ILE A 505 15.26 -19.22 7.74
CA ILE A 505 14.03 -19.87 8.15
C ILE A 505 14.01 -20.13 9.65
N ILE A 506 15.12 -20.59 10.22
CA ILE A 506 15.14 -21.03 11.61
C ILE A 506 15.29 -19.83 12.54
N GLN A 507 16.20 -18.92 12.19
CA GLN A 507 16.39 -17.70 12.95
C GLN A 507 15.08 -16.97 13.26
N ALA A 508 14.14 -16.97 12.31
CA ALA A 508 12.88 -16.24 12.46
C ALA A 508 11.88 -16.99 13.34
N GLN A 509 12.29 -18.15 13.80
CA GLN A 509 11.56 -18.88 14.84
C GLN A 509 10.14 -19.28 14.49
N PRO A 510 9.93 -19.90 13.33
CA PRO A 510 8.60 -20.32 12.88
C PRO A 510 7.97 -21.35 13.81
N ASP A 511 6.66 -21.30 13.98
CA ASP A 511 5.97 -22.37 14.68
C ASP A 511 4.97 -23.12 13.80
N GLN A 512 4.88 -22.72 12.54
CA GLN A 512 4.06 -23.44 11.57
C GLN A 512 4.62 -23.27 10.17
N SER A 513 4.35 -24.24 9.29
CA SER A 513 4.91 -24.20 7.94
C SER A 513 4.15 -25.05 6.92
N GLU A 514 4.32 -24.70 5.66
CA GLU A 514 3.77 -25.48 4.55
C GLU A 514 4.62 -26.71 4.27
N SER A 515 5.92 -26.62 4.54
CA SER A 515 6.83 -27.74 4.41
C SER A 515 6.70 -28.70 5.58
N GLU A 516 6.63 -29.99 5.30
CA GLU A 516 6.53 -31.00 6.35
C GLU A 516 7.88 -31.11 7.06
N LEU A 517 8.94 -31.01 6.30
CA LEU A 517 10.28 -30.96 6.85
C LEU A 517 10.35 -29.91 7.97
N VAL A 518 9.94 -28.69 7.63
CA VAL A 518 10.11 -27.57 8.54
C VAL A 518 9.26 -27.76 9.77
N ASN A 519 8.11 -28.42 9.63
CA ASN A 519 7.35 -28.78 10.81
C ASN A 519 8.05 -29.84 11.66
N GLN A 520 8.72 -30.79 11.03
CA GLN A 520 9.50 -31.77 11.78
C GLN A 520 10.63 -31.11 12.58
N ILE A 521 11.40 -30.26 11.91
CA ILE A 521 12.42 -29.48 12.60
C ILE A 521 11.81 -28.72 13.76
N ILE A 522 10.62 -28.16 13.56
CA ILE A 522 9.99 -27.37 14.62
C ILE A 522 9.62 -28.22 15.82
N GLU A 523 9.08 -29.42 15.58
CA GLU A 523 8.81 -30.35 16.67
C GLU A 523 10.11 -30.59 17.46
N GLN A 524 11.20 -30.81 16.74
CA GLN A 524 12.49 -31.01 17.37
C GLN A 524 12.91 -29.79 18.19
N LEU A 525 12.83 -28.61 17.60
CA LEU A 525 13.35 -27.42 18.25
C LEU A 525 12.63 -27.17 19.56
N ILE A 526 11.36 -27.53 19.60
CA ILE A 526 10.55 -27.36 20.81
C ILE A 526 10.94 -28.36 21.89
N LYS A 527 11.26 -29.59 21.50
CA LYS A 527 11.67 -30.63 22.44
C LYS A 527 13.06 -30.41 23.00
N LYS A 528 13.89 -29.68 22.25
CA LYS A 528 15.23 -29.37 22.71
C LYS A 528 15.18 -28.46 23.92
N GLU A 529 16.30 -28.38 24.66
CA GLU A 529 16.39 -27.50 25.81
C GLU A 529 17.30 -26.33 25.47
N LYS A 530 18.14 -26.52 24.45
CA LYS A 530 19.04 -25.47 23.99
C LYS A 530 19.57 -25.77 22.61
N VAL A 531 19.45 -24.80 21.71
CA VAL A 531 19.99 -24.92 20.37
C VAL A 531 20.66 -23.61 20.03
N TYR A 532 21.89 -23.67 19.57
CA TYR A 532 22.55 -22.51 19.01
C TYR A 532 22.90 -22.81 17.55
N LEU A 533 22.54 -21.90 16.66
CA LEU A 533 22.58 -22.13 15.23
C LEU A 533 23.53 -21.10 14.67
N ALA A 534 24.55 -21.54 13.96
CA ALA A 534 25.56 -20.62 13.44
C ALA A 534 25.81 -20.83 11.96
N TRP A 535 26.40 -19.84 11.32
CA TRP A 535 26.64 -19.88 9.89
C TRP A 535 28.10 -19.66 9.53
N VAL A 536 28.57 -20.41 8.54
CA VAL A 536 29.92 -20.26 8.03
C VAL A 536 29.87 -20.23 6.50
N PRO A 537 30.77 -19.46 5.86
CA PRO A 537 30.83 -19.43 4.40
C PRO A 537 31.34 -20.73 3.80
N ALA A 538 30.75 -21.14 2.68
CA ALA A 538 31.09 -22.41 2.07
C ALA A 538 32.44 -22.35 1.35
N HIS A 539 33.08 -23.51 1.20
CA HIS A 539 34.21 -23.65 0.31
C HIS A 539 35.31 -22.65 0.66
N LYS A 540 35.40 -22.29 1.93
CA LYS A 540 36.46 -21.39 2.37
C LYS A 540 37.51 -22.16 3.16
N GLY A 541 37.36 -23.48 3.21
CA GLY A 541 38.30 -24.30 3.95
C GLY A 541 38.15 -24.12 5.44
N ILE A 542 36.94 -23.81 5.86
CA ILE A 542 36.64 -23.67 7.27
C ILE A 542 36.58 -25.05 7.91
N GLY A 543 36.84 -25.10 9.21
CA GLY A 543 36.95 -26.38 9.92
C GLY A 543 36.00 -27.47 9.49
N GLY A 544 35.18 -27.93 10.43
CA GLY A 544 34.36 -29.11 10.18
C GLY A 544 33.52 -29.01 8.91
N ASN A 545 33.32 -27.80 8.41
CA ASN A 545 32.47 -27.58 7.25
C ASN A 545 33.00 -28.34 6.04
N GLU A 546 34.30 -28.31 5.85
CA GLU A 546 34.89 -28.97 4.69
C GLU A 546 34.74 -30.48 4.80
N GLN A 547 34.89 -31.01 6.00
CA GLN A 547 34.76 -32.45 6.23
C GLN A 547 33.41 -32.95 5.74
N VAL A 548 32.33 -32.43 6.34
CA VAL A 548 31.00 -32.87 5.96
C VAL A 548 30.69 -32.42 4.53
N ASP A 549 31.40 -31.40 4.06
CA ASP A 549 31.15 -30.84 2.73
C ASP A 549 31.40 -31.91 1.67
N LYS A 550 32.56 -32.54 1.75
CA LYS A 550 32.95 -33.55 0.77
C LYS A 550 32.20 -34.85 1.01
N LEU A 551 31.90 -35.14 2.28
CA LEU A 551 31.16 -36.34 2.64
C LEU A 551 29.88 -36.41 1.80
N VAL A 552 29.24 -35.27 1.64
CA VAL A 552 27.98 -35.19 0.90
C VAL A 552 28.20 -34.74 -0.55
N ILE B 5 2.31 36.12 -14.86
CA ILE B 5 3.52 35.44 -15.40
C ILE B 5 3.19 34.71 -16.70
N GLU B 6 4.21 34.15 -17.35
CA GLU B 6 4.05 33.48 -18.63
C GLU B 6 4.08 31.95 -18.51
N THR B 7 3.02 31.30 -18.99
CA THR B 7 2.92 29.84 -18.88
C THR B 7 3.86 29.07 -19.80
N VAL B 8 4.77 28.34 -19.20
CA VAL B 8 5.69 27.48 -19.93
C VAL B 8 5.05 26.12 -20.14
N PRO B 9 4.88 25.71 -21.40
CA PRO B 9 4.24 24.42 -21.73
C PRO B 9 5.05 23.22 -21.25
N VAL B 10 4.35 22.15 -20.88
CA VAL B 10 4.98 20.96 -20.32
C VAL B 10 4.49 19.71 -21.08
N LYS B 11 5.32 18.68 -21.15
CA LYS B 11 4.95 17.47 -21.87
C LYS B 11 5.39 16.19 -21.15
N LEU B 12 4.54 15.18 -21.19
CA LEU B 12 4.88 13.86 -20.65
C LEU B 12 5.73 13.08 -21.65
N LYS B 13 6.42 12.05 -21.17
CA LYS B 13 7.18 11.18 -22.05
C LYS B 13 6.22 10.55 -23.05
N PRO B 14 6.57 10.57 -24.34
CA PRO B 14 5.62 10.20 -25.40
C PRO B 14 5.00 8.83 -25.17
N GLY B 15 3.67 8.77 -25.26
CA GLY B 15 2.98 7.54 -24.93
C GLY B 15 2.43 7.54 -23.51
N MET B 16 3.32 7.64 -22.52
CA MET B 16 2.93 7.63 -21.11
C MET B 16 1.72 8.52 -20.86
N ASP B 17 0.69 7.94 -20.24
CA ASP B 17 -0.47 8.71 -19.83
C ASP B 17 -0.18 9.23 -18.42
N GLY B 18 -1.10 10.01 -17.89
CA GLY B 18 -0.90 10.56 -16.56
C GLY B 18 -1.02 9.54 -15.45
N PRO B 19 -0.84 9.99 -14.20
CA PRO B 19 -0.90 9.15 -13.00
C PRO B 19 -2.33 8.79 -12.63
N LYS B 20 -2.56 7.49 -12.37
CA LYS B 20 -3.87 7.03 -11.93
C LYS B 20 -3.66 6.28 -10.62
N VAL B 21 -3.15 6.97 -9.63
CA VAL B 21 -2.75 6.29 -8.41
C VAL B 21 -3.86 6.41 -7.39
N LYS B 22 -4.16 5.31 -6.72
CA LYS B 22 -5.24 5.27 -5.74
C LYS B 22 -4.90 6.06 -4.47
N GLN B 23 -5.94 6.60 -3.83
CA GLN B 23 -5.78 7.39 -2.61
C GLN B 23 -5.82 6.51 -1.37
N TRP B 24 -4.79 6.60 -0.53
CA TRP B 24 -4.76 5.81 0.71
C TRP B 24 -5.73 6.39 1.73
N PRO B 25 -6.30 5.54 2.58
CA PRO B 25 -7.22 5.93 3.66
C PRO B 25 -6.57 6.89 4.66
N LEU B 26 -7.30 7.93 5.02
CA LEU B 26 -6.82 8.94 5.95
C LEU B 26 -7.70 8.94 7.21
N THR B 27 -7.11 9.20 8.37
CA THR B 27 -7.91 9.40 9.58
C THR B 27 -8.74 10.69 9.52
N GLU B 28 -9.73 10.80 10.42
CA GLU B 28 -10.64 11.93 10.37
C GLU B 28 -9.92 13.27 10.48
N GLU B 29 -8.99 13.37 11.43
CA GLU B 29 -8.33 14.64 11.69
C GLU B 29 -7.49 15.11 10.51
N LYS B 30 -7.01 14.16 9.70
CA LYS B 30 -6.20 14.52 8.54
C LYS B 30 -7.08 14.93 7.37
N ILE B 31 -8.23 14.30 7.26
CA ILE B 31 -9.20 14.70 6.26
C ILE B 31 -9.66 16.13 6.55
N LYS B 32 -10.18 16.35 7.78
CA LYS B 32 -10.59 17.69 8.19
C LYS B 32 -9.52 18.73 7.87
N ALA B 33 -8.27 18.43 8.20
CA ALA B 33 -7.20 19.36 7.91
C ALA B 33 -7.11 19.66 6.41
N LEU B 34 -7.30 18.63 5.59
CA LEU B 34 -7.10 18.77 4.16
C LEU B 34 -8.20 19.64 3.57
N VAL B 35 -9.39 19.54 4.15
CA VAL B 35 -10.53 20.29 3.67
C VAL B 35 -10.33 21.79 3.95
N GLU B 36 -9.96 22.15 5.17
CA GLU B 36 -9.63 23.54 5.47
C GLU B 36 -8.61 24.06 4.47
N ILE B 37 -7.48 23.36 4.38
CA ILE B 37 -6.38 23.82 3.55
C ILE B 37 -6.76 24.01 2.07
N CYS B 38 -7.61 23.13 1.58
CA CYS B 38 -7.98 23.12 0.17
C CYS B 38 -9.10 24.09 -0.13
N THR B 39 -9.98 24.30 0.84
CA THR B 39 -11.00 25.32 0.70
C THR B 39 -10.32 26.68 0.59
N GLU B 40 -9.25 26.85 1.36
CA GLU B 40 -8.50 28.11 1.35
C GLU B 40 -7.67 28.28 0.08
N MET B 41 -7.18 27.19 -0.48
CA MET B 41 -6.37 27.26 -1.70
C MET B 41 -7.24 27.52 -2.90
N GLU B 42 -8.47 27.04 -2.83
CA GLU B 42 -9.43 27.20 -3.91
C GLU B 42 -9.90 28.66 -3.96
N LYS B 43 -10.18 29.22 -2.79
CA LYS B 43 -10.54 30.63 -2.66
C LYS B 43 -9.46 31.49 -3.30
N GLU B 44 -8.21 31.12 -3.10
CA GLU B 44 -7.09 31.89 -3.61
C GLU B 44 -6.71 31.47 -5.03
N GLY B 45 -7.53 30.60 -5.62
CA GLY B 45 -7.35 30.24 -7.02
C GLY B 45 -6.19 29.31 -7.37
N LYS B 46 -5.54 28.74 -6.35
CA LYS B 46 -4.40 27.84 -6.61
C LYS B 46 -4.85 26.48 -7.16
N ILE B 47 -6.01 26.04 -6.69
CA ILE B 47 -6.62 24.81 -7.20
C ILE B 47 -8.09 25.03 -7.57
N SER B 48 -8.60 24.21 -8.49
CA SER B 48 -10.02 24.25 -8.85
C SER B 48 -10.64 22.85 -8.77
N LYS B 49 -11.92 22.78 -8.42
CA LYS B 49 -12.64 21.51 -8.43
C LYS B 49 -12.67 20.92 -9.83
N ILE B 50 -12.78 19.60 -9.93
CA ILE B 50 -12.82 18.98 -11.25
C ILE B 50 -13.88 17.92 -11.38
N GLY B 51 -14.38 17.76 -12.60
CA GLY B 51 -15.43 16.79 -12.88
C GLY B 51 -14.89 15.40 -13.21
N PRO B 52 -15.79 14.44 -13.43
CA PRO B 52 -15.40 13.05 -13.65
C PRO B 52 -14.73 12.84 -15.00
N GLU B 53 -14.66 13.89 -15.79
CA GLU B 53 -13.95 13.82 -17.06
C GLU B 53 -12.44 13.81 -16.85
N ASN B 54 -12.02 13.99 -15.59
CA ASN B 54 -10.60 13.85 -15.28
C ASN B 54 -10.32 12.50 -14.63
N PRO B 55 -9.67 11.60 -15.39
CA PRO B 55 -9.41 10.22 -14.98
C PRO B 55 -8.14 10.04 -14.13
N TYR B 56 -7.42 11.12 -13.87
CA TYR B 56 -6.13 11.03 -13.21
C TYR B 56 -6.23 11.20 -11.70
N ASN B 57 -5.23 10.71 -10.98
CA ASN B 57 -5.19 10.86 -9.54
C ASN B 57 -3.79 10.60 -8.98
N THR B 58 -3.38 11.45 -8.04
CA THR B 58 -2.19 11.20 -7.26
C THR B 58 -2.58 11.33 -5.80
N PRO B 59 -1.92 10.58 -4.91
CA PRO B 59 -2.30 10.52 -3.49
C PRO B 59 -2.02 11.83 -2.77
N VAL B 60 -2.77 12.09 -1.71
CA VAL B 60 -2.51 13.28 -0.93
C VAL B 60 -2.55 12.95 0.57
N PHE B 61 -1.70 13.60 1.35
CA PHE B 61 -1.60 13.33 2.79
C PHE B 61 -1.53 14.62 3.58
N ALA B 62 -1.68 14.49 4.89
CA ALA B 62 -1.42 15.57 5.85
C ALA B 62 -0.27 15.21 6.78
N ILE B 63 0.64 16.14 6.97
CA ILE B 63 1.74 15.95 7.91
C ILE B 63 1.89 17.20 8.77
N LYS B 64 2.56 17.05 9.91
CA LYS B 64 2.89 18.20 10.73
C LYS B 64 4.24 18.77 10.29
N LYS B 65 4.25 20.06 10.02
CA LYS B 65 5.48 20.74 9.61
C LYS B 65 6.56 20.41 10.64
N LYS B 66 7.78 20.18 10.15
CA LYS B 66 8.86 19.61 10.97
C LYS B 66 8.78 19.95 12.47
N ASP B 67 9.32 21.11 12.85
CA ASP B 67 9.21 21.58 14.23
C ASP B 67 8.07 22.60 14.33
N SER B 68 6.85 22.12 14.56
CA SER B 68 5.66 22.97 14.51
C SER B 68 4.37 22.13 14.60
N THR B 69 3.45 22.59 15.43
CA THR B 69 2.11 22.00 15.45
C THR B 69 1.19 22.80 14.53
N LYS B 70 0.96 22.25 13.33
CA LYS B 70 0.11 22.85 12.31
C LYS B 70 0.10 21.95 11.08
N TRP B 71 -1.10 21.60 10.61
CA TRP B 71 -1.25 20.64 9.52
C TRP B 71 -0.83 21.20 8.18
N ARG B 72 -0.22 20.35 7.36
CA ARG B 72 0.27 20.78 6.06
C ARG B 72 -0.07 19.75 4.98
N LYS B 73 -0.40 20.22 3.79
CA LYS B 73 -0.79 19.32 2.71
C LYS B 73 0.46 18.76 2.04
N LEU B 74 0.52 17.44 1.91
CA LEU B 74 1.61 16.80 1.19
C LEU B 74 1.06 15.97 0.03
N VAL B 75 1.36 16.38 -1.19
CA VAL B 75 0.91 15.62 -2.34
C VAL B 75 2.00 14.66 -2.79
N ASP B 76 1.63 13.40 -3.00
CA ASP B 76 2.58 12.39 -3.47
C ASP B 76 2.68 12.37 -4.99
N PHE B 77 3.63 13.11 -5.55
CA PHE B 77 3.79 13.17 -7.00
C PHE B 77 4.84 12.21 -7.57
N ARG B 78 5.13 11.13 -6.87
CA ARG B 78 6.17 10.22 -7.33
C ARG B 78 5.89 9.68 -8.74
N GLU B 79 4.63 9.37 -9.01
CA GLU B 79 4.26 8.80 -10.29
C GLU B 79 4.40 9.87 -11.36
N LEU B 80 3.80 11.03 -11.13
CA LEU B 80 3.88 12.12 -12.08
C LEU B 80 5.35 12.47 -12.35
N ASN B 81 6.16 12.53 -11.29
CA ASN B 81 7.55 12.92 -11.51
C ASN B 81 8.23 11.91 -12.40
N LYS B 82 7.97 10.62 -12.16
CA LYS B 82 8.54 9.57 -13.00
C LYS B 82 8.09 9.71 -14.44
N ARG B 83 6.86 10.17 -14.64
CA ARG B 83 6.31 10.28 -15.98
C ARG B 83 6.65 11.61 -16.65
N THR B 84 7.40 12.44 -15.94
CA THR B 84 7.74 13.81 -16.37
C THR B 84 9.25 13.94 -16.53
N GLN B 85 9.96 12.88 -16.20
CA GLN B 85 11.42 12.90 -16.08
C GLN B 85 12.17 13.48 -17.29
N ASP B 86 11.52 13.59 -18.44
CA ASP B 86 12.19 14.20 -19.58
C ASP B 86 12.21 15.70 -19.36
N PHE B 87 11.15 16.21 -18.75
CA PHE B 87 10.99 17.64 -18.57
C PHE B 87 11.89 18.22 -17.47
N TRP B 88 11.81 17.65 -16.26
CA TRP B 88 12.49 18.23 -15.10
C TRP B 88 13.96 17.82 -14.97
N GLU B 89 14.42 16.96 -15.88
CA GLU B 89 15.80 16.51 -15.82
C GLU B 89 16.61 16.88 -17.05
N VAL B 90 16.03 16.77 -18.24
CA VAL B 90 16.80 17.00 -19.46
C VAL B 90 16.59 18.39 -20.06
N GLN B 91 15.35 18.83 -20.20
CA GLN B 91 15.09 20.13 -20.82
C GLN B 91 15.53 21.27 -19.90
N LEU B 92 15.23 21.13 -18.60
CA LEU B 92 15.39 22.23 -17.66
C LEU B 92 16.03 21.84 -16.33
N GLY B 93 16.93 20.86 -16.38
CA GLY B 93 17.47 20.33 -15.13
C GLY B 93 18.22 21.35 -14.29
N ILE B 94 18.23 21.12 -12.98
CA ILE B 94 19.03 21.94 -12.06
C ILE B 94 20.36 21.23 -11.87
N PRO B 95 21.46 21.90 -12.22
CA PRO B 95 22.79 21.37 -11.94
C PRO B 95 23.11 21.30 -10.44
N HIS B 96 23.71 20.20 -10.03
CA HIS B 96 24.03 19.97 -8.63
C HIS B 96 25.50 20.28 -8.34
N PRO B 97 25.75 21.20 -7.39
CA PRO B 97 27.14 21.59 -7.12
C PRO B 97 27.88 20.54 -6.30
N ALA B 98 29.09 20.20 -6.74
CA ALA B 98 29.92 19.24 -6.01
C ALA B 98 30.48 19.86 -4.74
N GLY B 99 30.43 21.19 -4.66
CA GLY B 99 30.99 21.89 -3.51
C GLY B 99 30.13 21.86 -2.25
N LEU B 100 28.86 21.48 -2.39
CA LEU B 100 27.93 21.50 -1.26
C LEU B 100 28.30 20.51 -0.14
N LYS B 101 28.64 19.27 -0.53
CA LYS B 101 29.06 18.29 0.47
C LYS B 101 30.32 18.74 1.19
N LYS B 102 31.03 19.67 0.56
CA LYS B 102 32.30 20.18 1.11
C LYS B 102 32.13 21.15 2.29
N LYS B 103 31.07 21.95 2.28
CA LYS B 103 30.89 23.00 3.30
C LYS B 103 30.78 22.49 4.75
N LYS B 104 31.08 23.38 5.70
CA LYS B 104 31.01 23.03 7.13
C LYS B 104 29.57 23.00 7.62
N SER B 105 28.76 23.92 7.11
CA SER B 105 27.38 24.06 7.55
C SER B 105 26.49 24.22 6.34
N VAL B 106 25.46 23.38 6.24
CA VAL B 106 24.44 23.54 5.22
C VAL B 106 23.07 23.71 5.86
N THR B 107 22.39 24.80 5.52
CA THR B 107 21.05 24.99 6.03
C THR B 107 20.00 24.68 4.95
N VAL B 108 18.93 24.00 5.33
CA VAL B 108 17.82 23.70 4.43
C VAL B 108 16.66 24.65 4.71
N LEU B 109 16.14 25.32 3.68
CA LEU B 109 15.01 26.24 3.83
C LEU B 109 13.90 25.83 2.90
N ASP B 110 12.66 25.91 3.38
CA ASP B 110 11.51 25.61 2.53
C ASP B 110 11.23 26.83 1.70
N VAL B 111 11.28 26.70 0.37
CA VAL B 111 10.87 27.79 -0.50
C VAL B 111 9.68 27.44 -1.36
N GLY B 112 8.88 26.49 -0.89
CA GLY B 112 7.72 26.02 -1.64
C GLY B 112 6.65 27.06 -1.95
N ASP B 113 6.46 28.04 -1.06
CA ASP B 113 5.47 29.10 -1.29
C ASP B 113 5.78 29.89 -2.56
N ALA B 114 7.02 29.85 -3.00
CA ALA B 114 7.40 30.46 -4.25
C ALA B 114 6.50 30.04 -5.41
N TYR B 115 6.20 28.76 -5.51
CA TYR B 115 5.59 28.21 -6.72
C TYR B 115 4.14 28.63 -6.95
N PHE B 116 3.43 28.93 -5.88
CA PHE B 116 2.00 29.24 -5.98
C PHE B 116 1.74 30.59 -6.67
N SER B 117 2.79 31.36 -6.93
CA SER B 117 2.63 32.65 -7.58
C SER B 117 2.87 32.54 -9.08
N VAL B 118 2.77 31.33 -9.62
CA VAL B 118 3.05 31.13 -11.04
C VAL B 118 2.06 30.15 -11.65
N PRO B 119 1.47 30.53 -12.79
CA PRO B 119 0.48 29.68 -13.47
C PRO B 119 1.09 28.40 -14.04
N LEU B 120 0.32 27.31 -14.01
CA LEU B 120 0.72 26.04 -14.61
C LEU B 120 0.08 25.89 -15.99
N ASP B 121 0.88 25.50 -16.98
CA ASP B 121 0.38 25.27 -18.34
C ASP B 121 -0.96 24.55 -18.33
N GLU B 122 -1.96 25.17 -18.92
CA GLU B 122 -3.34 24.70 -18.83
C GLU B 122 -3.55 23.31 -19.40
N ASP B 123 -2.74 22.96 -20.40
CA ASP B 123 -2.84 21.63 -21.00
C ASP B 123 -2.22 20.57 -20.11
N PHE B 124 -1.60 20.98 -19.01
CA PHE B 124 -1.00 20.03 -18.10
C PHE B 124 -1.80 19.83 -16.81
N ARG B 125 -2.58 20.83 -16.43
CA ARG B 125 -3.19 20.84 -15.11
C ARG B 125 -3.96 19.55 -14.75
N LYS B 126 -4.49 18.87 -15.75
CA LYS B 126 -5.35 17.72 -15.46
C LYS B 126 -4.56 16.58 -14.84
N TYR B 127 -3.27 16.52 -15.14
CA TYR B 127 -2.42 15.49 -14.57
C TYR B 127 -2.12 15.68 -13.09
N THR B 128 -2.51 16.81 -12.52
CA THR B 128 -2.20 17.11 -11.12
C THR B 128 -3.41 16.89 -10.22
N ALA B 129 -4.38 16.16 -10.76
CA ALA B 129 -5.60 15.85 -10.02
C ALA B 129 -5.35 15.05 -8.74
N PHE B 130 -6.08 15.40 -7.69
CA PHE B 130 -6.05 14.58 -6.48
C PHE B 130 -7.41 14.54 -5.82
N THR B 131 -7.56 13.67 -4.84
CA THR B 131 -8.86 13.34 -4.25
C THR B 131 -8.75 13.40 -2.75
N ILE B 132 -9.58 14.20 -2.10
CA ILE B 132 -9.76 14.09 -0.67
C ILE B 132 -10.88 13.10 -0.38
N PRO B 133 -10.57 11.96 0.24
CA PRO B 133 -11.56 10.92 0.50
C PRO B 133 -12.43 11.26 1.69
N SER B 134 -13.47 10.48 1.90
CA SER B 134 -14.32 10.67 3.06
C SER B 134 -14.38 9.41 3.89
N ILE B 135 -14.66 9.57 5.16
CA ILE B 135 -14.75 8.46 6.07
C ILE B 135 -15.88 7.51 5.68
N ASN B 136 -15.54 6.23 5.61
CA ASN B 136 -16.50 5.18 5.34
C ASN B 136 -17.16 5.37 3.96
N ASN B 137 -16.53 6.17 3.12
CA ASN B 137 -16.98 6.35 1.75
C ASN B 137 -18.41 6.91 1.67
N GLU B 138 -18.82 7.63 2.70
CA GLU B 138 -20.21 8.07 2.80
C GLU B 138 -20.54 9.25 1.87
N THR B 139 -19.52 9.93 1.37
CA THR B 139 -19.69 11.01 0.40
C THR B 139 -18.60 10.90 -0.66
N PRO B 140 -18.88 11.28 -1.91
CA PRO B 140 -17.86 11.15 -2.94
C PRO B 140 -16.65 12.04 -2.66
N GLY B 141 -15.48 11.61 -3.10
CA GLY B 141 -14.29 12.38 -2.82
C GLY B 141 -14.46 13.81 -3.34
N ILE B 142 -13.79 14.75 -2.68
CA ILE B 142 -13.65 16.11 -3.17
C ILE B 142 -12.43 16.17 -4.11
N ARG B 143 -12.63 16.64 -5.33
CA ARG B 143 -11.58 16.55 -6.33
C ARG B 143 -11.10 17.88 -6.89
N TYR B 144 -9.78 18.02 -7.00
CA TYR B 144 -9.17 19.25 -7.43
C TYR B 144 -8.07 18.99 -8.44
N GLN B 145 -7.63 20.03 -9.13
CA GLN B 145 -6.35 20.02 -9.81
C GLN B 145 -5.68 21.34 -9.51
N TYR B 146 -4.42 21.47 -9.89
CA TYR B 146 -3.67 22.70 -9.66
C TYR B 146 -3.81 23.70 -10.81
N ASN B 147 -3.79 24.98 -10.45
CA ASN B 147 -3.74 26.06 -11.45
C ASN B 147 -2.34 26.67 -11.49
N VAL B 148 -1.61 26.49 -10.39
CA VAL B 148 -0.24 27.02 -10.28
C VAL B 148 0.75 25.85 -10.17
N LEU B 149 2.05 26.15 -10.14
CA LEU B 149 3.06 25.12 -9.90
C LEU B 149 2.77 24.46 -8.55
N PRO B 150 2.60 23.13 -8.54
CA PRO B 150 2.37 22.47 -7.26
C PRO B 150 3.68 22.15 -6.53
N GLN B 151 3.63 22.13 -5.21
CA GLN B 151 4.78 21.66 -4.45
C GLN B 151 4.88 20.17 -4.62
N GLY B 152 6.10 19.67 -4.69
CA GLY B 152 6.29 18.23 -4.72
C GLY B 152 6.46 17.71 -6.12
N TRP B 153 6.04 18.48 -7.10
CA TRP B 153 6.24 18.13 -8.50
C TRP B 153 7.59 18.64 -8.95
N LYS B 154 8.42 17.74 -9.50
CA LYS B 154 9.78 18.10 -9.88
C LYS B 154 9.82 19.10 -11.02
N GLY B 155 8.69 19.27 -11.69
CA GLY B 155 8.61 20.27 -12.74
C GLY B 155 8.68 21.69 -12.19
N SER B 156 8.12 21.90 -11.00
CA SER B 156 7.99 23.23 -10.44
C SER B 156 9.35 23.92 -10.28
N PRO B 157 10.31 23.27 -9.62
CA PRO B 157 11.61 23.93 -9.53
C PRO B 157 12.28 24.09 -10.90
N ALA B 158 12.06 23.13 -11.78
CA ALA B 158 12.64 23.20 -13.13
C ALA B 158 12.13 24.45 -13.84
N ILE B 159 10.86 24.76 -13.62
CA ILE B 159 10.24 25.88 -14.30
C ILE B 159 10.57 27.19 -13.59
N PHE B 160 10.46 27.20 -12.27
CA PHE B 160 10.71 28.40 -11.51
C PHE B 160 12.20 28.75 -11.51
N GLN B 161 12.99 27.93 -12.20
CA GLN B 161 14.44 28.03 -12.12
C GLN B 161 14.99 29.43 -12.38
N SER B 162 14.62 30.04 -13.50
CA SER B 162 15.14 31.35 -13.83
C SER B 162 14.65 32.46 -12.89
N SER B 163 13.48 32.28 -12.30
CA SER B 163 13.03 33.24 -11.29
C SER B 163 13.87 33.15 -10.03
N MET B 164 14.19 31.92 -9.62
CA MET B 164 15.00 31.71 -8.43
C MET B 164 16.36 32.38 -8.61
N THR B 165 16.90 32.28 -9.82
CA THR B 165 18.23 32.78 -10.07
C THR B 165 18.30 34.30 -9.94
N LYS B 166 17.28 34.95 -10.48
CA LYS B 166 17.16 36.40 -10.38
C LYS B 166 17.02 36.81 -8.92
N ILE B 167 16.29 36.04 -8.12
CA ILE B 167 16.12 36.33 -6.69
C ILE B 167 17.41 36.16 -5.90
N LEU B 168 18.22 35.18 -6.27
CA LEU B 168 19.42 34.87 -5.50
C LEU B 168 20.66 35.64 -5.95
N GLU B 169 20.57 36.37 -7.06
CA GLU B 169 21.76 36.97 -7.67
C GLU B 169 22.51 37.91 -6.73
N PRO B 170 21.82 38.90 -6.13
CA PRO B 170 22.48 39.83 -5.21
C PRO B 170 23.18 39.09 -4.06
N PHE B 171 22.44 38.20 -3.40
CA PHE B 171 23.02 37.46 -2.29
C PHE B 171 24.20 36.61 -2.75
N ARG B 172 24.14 36.12 -3.99
CA ARG B 172 25.23 35.29 -4.49
C ARG B 172 26.45 36.14 -4.79
N LYS B 173 26.24 37.24 -5.50
CA LYS B 173 27.30 38.17 -5.82
C LYS B 173 28.01 38.68 -4.56
N GLN B 174 27.24 38.98 -3.52
CA GLN B 174 27.81 39.51 -2.28
C GLN B 174 28.47 38.44 -1.42
N ASN B 175 28.06 37.18 -1.58
CA ASN B 175 28.67 36.09 -0.84
C ASN B 175 29.12 34.94 -1.75
N PRO B 176 30.29 35.10 -2.39
CA PRO B 176 30.81 34.14 -3.37
C PRO B 176 31.14 32.76 -2.79
N ASP B 177 31.53 32.72 -1.53
CA ASP B 177 31.96 31.48 -0.91
C ASP B 177 30.79 30.75 -0.24
N ILE B 178 29.58 31.03 -0.73
CA ILE B 178 28.40 30.32 -0.28
C ILE B 178 27.73 29.57 -1.43
N VAL B 179 27.44 28.30 -1.20
CA VAL B 179 26.75 27.51 -2.19
C VAL B 179 25.25 27.37 -1.87
N ILE B 180 24.43 27.65 -2.88
CA ILE B 180 22.99 27.52 -2.75
C ILE B 180 22.47 26.58 -3.83
N TYR B 181 21.77 25.54 -3.39
CA TYR B 181 21.28 24.52 -4.30
C TYR B 181 19.80 24.31 -4.07
N GLN B 182 19.05 24.31 -5.16
CA GLN B 182 17.62 24.10 -5.07
C GLN B 182 17.37 22.62 -5.36
N TYR B 183 16.57 21.98 -4.52
CA TYR B 183 16.05 20.65 -4.80
C TYR B 183 14.60 20.52 -4.36
N MET B 184 13.73 20.35 -5.35
CA MET B 184 12.28 20.34 -5.11
C MET B 184 11.83 21.61 -4.40
N ASP B 185 11.29 21.48 -3.19
CA ASP B 185 10.73 22.61 -2.47
C ASP B 185 11.76 23.26 -1.56
N ASP B 186 12.98 22.74 -1.54
CA ASP B 186 13.95 23.22 -0.58
C ASP B 186 15.15 23.93 -1.19
N LEU B 187 15.74 24.80 -0.37
CA LEU B 187 16.97 25.50 -0.72
C LEU B 187 18.05 24.98 0.24
N TYR B 188 19.16 24.52 -0.32
CA TYR B 188 20.25 24.06 0.51
C TYR B 188 21.32 25.12 0.42
N VAL B 189 21.81 25.58 1.58
CA VAL B 189 22.69 26.73 1.62
C VAL B 189 23.91 26.43 2.48
N GLY B 190 25.05 26.23 1.84
CA GLY B 190 26.24 25.85 2.58
C GLY B 190 27.34 26.90 2.63
N SER B 191 28.04 26.98 3.75
CA SER B 191 29.21 27.83 3.83
C SER B 191 30.24 27.26 4.79
N ASP B 192 31.41 27.86 4.80
CA ASP B 192 32.44 27.51 5.76
C ASP B 192 32.58 28.56 6.86
N LEU B 193 31.63 29.48 6.94
CA LEU B 193 31.61 30.47 8.02
C LEU B 193 31.58 29.80 9.39
N GLU B 194 31.94 30.55 10.43
CA GLU B 194 31.72 30.08 11.79
C GLU B 194 30.20 30.07 12.03
N ILE B 195 29.74 29.23 12.95
CA ILE B 195 28.31 28.92 13.01
C ILE B 195 27.41 30.15 13.21
N GLY B 196 27.85 31.10 14.02
CA GLY B 196 27.09 32.33 14.20
C GLY B 196 27.09 33.16 12.95
N GLN B 197 28.24 33.24 12.28
CA GLN B 197 28.32 33.95 11.01
C GLN B 197 27.45 33.26 9.97
N HIS B 198 27.43 31.93 9.99
CA HIS B 198 26.59 31.19 9.06
C HIS B 198 25.13 31.52 9.30
N ARG B 199 24.70 31.49 10.55
CA ARG B 199 23.29 31.74 10.84
C ARG B 199 22.86 33.16 10.43
N THR B 200 23.75 34.11 10.66
CA THR B 200 23.48 35.49 10.30
C THR B 200 23.26 35.59 8.81
N LYS B 201 24.08 34.91 8.03
CA LYS B 201 23.94 34.97 6.58
C LYS B 201 22.67 34.27 6.09
N ILE B 202 22.17 33.31 6.86
CA ILE B 202 20.92 32.67 6.49
C ILE B 202 19.76 33.65 6.67
N GLU B 203 19.76 34.36 7.79
CA GLU B 203 18.73 35.34 8.03
C GLU B 203 18.71 36.39 6.91
N GLU B 204 19.87 36.91 6.53
CA GLU B 204 19.92 37.86 5.42
C GLU B 204 19.30 37.25 4.17
N LEU B 205 19.51 35.96 3.99
CA LEU B 205 18.98 35.27 2.83
C LEU B 205 17.45 35.16 2.94
N ARG B 206 16.96 34.95 4.16
CA ARG B 206 15.51 34.92 4.41
C ARG B 206 14.86 36.25 4.04
N GLN B 207 15.56 37.34 4.27
CA GLN B 207 15.04 38.67 3.95
C GLN B 207 14.96 38.88 2.45
N HIS B 208 15.99 38.45 1.72
CA HIS B 208 15.94 38.50 0.26
C HIS B 208 14.73 37.71 -0.18
N LEU B 209 14.63 36.47 0.29
CA LEU B 209 13.49 35.62 -0.01
C LEU B 209 12.18 36.29 0.41
N LEU B 210 12.20 36.97 1.55
CA LEU B 210 11.02 37.60 2.11
C LEU B 210 10.41 38.65 1.18
N ARG B 211 11.25 39.40 0.47
CA ARG B 211 10.75 40.40 -0.47
C ARG B 211 10.09 39.75 -1.67
N TRP B 212 10.02 38.43 -1.68
CA TRP B 212 9.24 37.74 -2.71
C TRP B 212 8.22 36.74 -2.12
N GLY B 213 8.68 35.87 -1.22
CA GLY B 213 7.82 34.81 -0.71
C GLY B 213 8.50 33.88 0.29
N LEU B 214 8.03 33.95 1.54
CA LEU B 214 8.54 33.14 2.65
C LEU B 214 7.85 33.66 3.93
N THR B 215 7.89 32.89 5.02
CA THR B 215 7.22 33.29 6.25
C THR B 215 8.01 34.28 7.11
N THR B 216 7.30 35.02 7.96
CA THR B 216 7.93 35.89 8.94
C THR B 216 8.32 35.07 10.17
N TYR B 232 17.12 23.88 9.65
CA TYR B 232 18.09 23.12 10.43
C TYR B 232 19.43 22.98 9.70
N GLU B 233 20.50 22.80 10.48
CA GLU B 233 21.86 22.76 9.94
C GLU B 233 22.48 21.35 9.83
N LEU B 234 22.84 20.97 8.60
CA LEU B 234 23.70 19.81 8.38
C LEU B 234 25.15 20.22 8.55
N HIS B 235 25.99 19.27 8.95
CA HIS B 235 27.43 19.49 8.93
C HIS B 235 28.11 18.39 8.11
N PRO B 236 27.95 18.47 6.79
CA PRO B 236 28.29 17.41 5.82
C PRO B 236 29.75 17.02 5.75
N ASP B 237 30.64 18.00 5.79
CA ASP B 237 32.07 17.71 5.77
C ASP B 237 32.48 17.03 7.07
N LYS B 238 31.51 16.80 7.95
CA LYS B 238 31.75 16.04 9.18
C LYS B 238 31.09 14.67 9.06
N TRP B 239 30.60 14.35 7.87
CA TRP B 239 30.07 13.02 7.62
C TRP B 239 31.21 12.08 7.27
N THR B 240 31.23 10.94 7.96
CA THR B 240 32.24 9.92 7.75
C THR B 240 31.57 8.55 7.73
N VAL B 241 32.13 7.62 6.97
CA VAL B 241 31.53 6.31 6.79
C VAL B 241 31.55 5.51 8.09
N GLN B 242 30.66 4.53 8.17
CA GLN B 242 30.66 3.58 9.27
C GLN B 242 31.43 2.33 8.83
N PRO B 243 32.73 2.27 9.14
CA PRO B 243 33.54 1.13 8.68
C PRO B 243 32.96 -0.18 9.18
N ILE B 244 33.00 -1.21 8.34
CA ILE B 244 32.72 -2.56 8.80
C ILE B 244 33.75 -2.84 9.86
N VAL B 245 33.30 -3.10 11.09
CA VAL B 245 34.21 -3.12 12.21
C VAL B 245 34.60 -4.53 12.62
N LEU B 246 35.90 -4.76 12.70
CA LEU B 246 36.45 -6.03 13.17
C LEU B 246 36.84 -5.88 14.62
N PRO B 247 36.23 -6.68 15.50
CA PRO B 247 36.51 -6.59 16.94
C PRO B 247 37.99 -6.87 17.26
N GLU B 248 38.46 -6.35 18.38
CA GLU B 248 39.64 -6.89 19.03
C GLU B 248 39.24 -7.43 20.38
N LYS B 249 39.46 -8.73 20.59
CA LYS B 249 38.92 -9.41 21.75
C LYS B 249 40.02 -9.90 22.70
N ASP B 250 39.61 -10.14 23.94
CA ASP B 250 40.48 -10.70 24.97
C ASP B 250 41.06 -12.04 24.52
N SER B 251 40.20 -13.05 24.45
CA SER B 251 40.53 -14.32 23.82
C SER B 251 39.57 -14.56 22.66
N TRP B 252 39.84 -15.59 21.87
CA TRP B 252 38.95 -15.95 20.76
C TRP B 252 38.47 -17.39 20.88
N THR B 253 37.18 -17.61 20.61
CA THR B 253 36.65 -18.97 20.49
C THR B 253 36.62 -19.36 19.02
N VAL B 254 36.30 -20.63 18.77
CA VAL B 254 36.13 -21.08 17.39
C VAL B 254 35.02 -20.26 16.77
N ASN B 255 33.88 -20.21 17.46
CA ASN B 255 32.73 -19.45 17.00
C ASN B 255 33.13 -18.04 16.60
N ASP B 256 33.92 -17.38 17.45
CA ASP B 256 34.37 -16.02 17.19
C ASP B 256 35.12 -15.91 15.87
N ILE B 257 36.00 -16.89 15.61
CA ILE B 257 36.84 -16.84 14.42
C ILE B 257 35.98 -16.96 13.17
N GLN B 258 35.07 -17.94 13.17
CA GLN B 258 34.18 -18.18 12.04
C GLN B 258 33.35 -16.95 11.75
N LYS B 259 32.78 -16.35 12.80
CA LYS B 259 32.00 -15.13 12.66
C LYS B 259 32.89 -14.06 12.04
N LEU B 260 34.16 -14.09 12.39
CA LEU B 260 35.12 -13.16 11.83
C LEU B 260 35.40 -13.46 10.36
N VAL B 261 35.61 -14.74 10.05
CA VAL B 261 35.83 -15.15 8.66
C VAL B 261 34.64 -14.80 7.77
N GLY B 262 33.45 -15.17 8.22
CA GLY B 262 32.27 -14.87 7.44
C GLY B 262 32.19 -13.39 7.14
N LYS B 263 32.64 -12.58 8.08
CA LYS B 263 32.54 -11.13 7.96
C LYS B 263 33.56 -10.59 6.99
N LEU B 264 34.81 -11.03 7.12
CA LEU B 264 35.86 -10.63 6.18
C LEU B 264 35.54 -11.19 4.80
N ASN B 265 34.98 -12.39 4.77
CA ASN B 265 34.60 -13.03 3.52
C ASN B 265 33.63 -12.15 2.77
N TRP B 266 32.81 -11.42 3.51
CA TRP B 266 31.81 -10.57 2.90
C TRP B 266 32.40 -9.24 2.44
N ALA B 267 33.28 -8.67 3.26
CA ALA B 267 33.96 -7.43 2.91
C ALA B 267 34.75 -7.64 1.62
N SER B 268 35.33 -8.84 1.49
CA SER B 268 36.21 -9.15 0.37
C SER B 268 35.51 -9.02 -0.98
N GLN B 269 34.19 -9.03 -0.96
CA GLN B 269 33.41 -8.91 -2.18
C GLN B 269 33.19 -7.44 -2.56
N ILE B 270 33.62 -6.55 -1.67
CA ILE B 270 33.49 -5.11 -1.89
C ILE B 270 34.85 -4.45 -1.99
N TYR B 271 35.68 -4.67 -0.96
CA TYR B 271 36.98 -4.01 -0.90
C TYR B 271 38.08 -4.85 -1.53
N PRO B 272 38.69 -4.34 -2.60
CA PRO B 272 39.86 -5.05 -3.16
C PRO B 272 40.99 -5.14 -2.15
N GLY B 273 41.53 -6.34 -1.98
CA GLY B 273 42.71 -6.50 -1.16
C GLY B 273 42.46 -7.21 0.15
N ILE B 274 41.20 -7.46 0.46
CA ILE B 274 40.84 -8.16 1.69
C ILE B 274 41.34 -9.60 1.65
N LYS B 275 42.03 -10.03 2.70
CA LYS B 275 42.56 -11.39 2.75
C LYS B 275 42.10 -12.16 3.98
N VAL B 276 41.94 -13.47 3.82
CA VAL B 276 41.34 -14.32 4.84
C VAL B 276 42.23 -15.52 5.17
N ARG B 277 42.97 -15.98 4.16
CA ARG B 277 43.67 -17.27 4.20
C ARG B 277 44.32 -17.62 5.54
N GLN B 278 44.92 -16.63 6.20
CA GLN B 278 45.64 -16.88 7.44
C GLN B 278 44.69 -17.23 8.58
N LEU B 279 43.49 -16.68 8.54
CA LEU B 279 42.49 -16.94 9.57
C LEU B 279 41.89 -18.33 9.46
N CYS B 280 41.66 -18.78 8.23
CA CYS B 280 41.10 -20.11 8.00
C CYS B 280 41.99 -21.16 8.63
N LYS B 281 43.29 -21.02 8.40
CA LYS B 281 44.28 -21.92 8.98
C LYS B 281 44.03 -22.14 10.46
N LEU B 282 43.42 -21.15 11.12
CA LEU B 282 43.14 -21.25 12.55
C LEU B 282 42.02 -22.23 12.84
N LEU B 283 41.14 -22.43 11.86
CA LEU B 283 39.96 -23.27 12.05
C LEU B 283 40.23 -24.76 11.90
N ARG B 284 41.41 -25.10 11.38
CA ARG B 284 41.74 -26.48 11.02
C ARG B 284 41.09 -27.51 11.93
N GLY B 285 40.61 -28.60 11.32
CA GLY B 285 40.00 -29.67 12.09
C GLY B 285 38.51 -29.48 12.25
N THR B 286 37.92 -30.29 13.13
CA THR B 286 36.49 -30.22 13.38
C THR B 286 36.25 -30.13 14.89
N LYS B 287 36.43 -28.93 15.45
CA LYS B 287 36.47 -28.77 16.89
C LYS B 287 35.25 -28.03 17.46
N ALA B 288 35.02 -28.22 18.76
CA ALA B 288 33.85 -27.65 19.42
C ALA B 288 33.83 -26.13 19.32
N LEU B 289 32.65 -25.55 19.51
CA LEU B 289 32.39 -24.17 19.12
C LEU B 289 32.93 -23.19 20.15
N THR B 290 32.90 -23.59 21.42
CA THR B 290 33.28 -22.71 22.51
C THR B 290 34.78 -22.73 22.78
N GLU B 291 35.47 -23.74 22.23
CA GLU B 291 36.89 -23.93 22.47
C GLU B 291 37.67 -22.66 22.15
N VAL B 292 38.74 -22.41 22.91
CA VAL B 292 39.57 -21.23 22.68
C VAL B 292 40.74 -21.55 21.75
N ILE B 293 41.15 -20.58 20.95
CA ILE B 293 42.15 -20.83 19.92
C ILE B 293 43.17 -19.69 19.85
N PRO B 294 44.46 -20.05 19.84
CA PRO B 294 45.62 -19.15 19.87
C PRO B 294 45.72 -18.21 18.68
N LEU B 295 46.05 -16.96 18.97
CA LEU B 295 46.10 -15.90 17.96
C LEU B 295 47.48 -15.78 17.30
N THR B 296 47.50 -15.93 15.98
CA THR B 296 48.76 -16.00 15.22
C THR B 296 49.18 -14.65 14.66
N GLU B 297 50.47 -14.52 14.36
CA GLU B 297 51.04 -13.27 13.85
C GLU B 297 50.56 -12.98 12.43
N GLU B 298 50.53 -14.02 11.61
CA GLU B 298 50.04 -13.91 10.24
C GLU B 298 48.60 -13.42 10.27
N ALA B 299 47.82 -14.01 11.16
CA ALA B 299 46.43 -13.63 11.33
C ALA B 299 46.36 -12.25 11.95
N GLU B 300 47.14 -12.06 13.01
CA GLU B 300 47.15 -10.79 13.72
C GLU B 300 47.52 -9.66 12.76
N LEU B 301 48.37 -9.98 11.78
CA LEU B 301 48.79 -8.99 10.78
C LEU B 301 47.72 -8.80 9.71
N GLU B 302 47.38 -9.88 9.03
CA GLU B 302 46.35 -9.86 8.01
C GLU B 302 45.13 -9.11 8.53
N LEU B 303 44.78 -9.39 9.79
CA LEU B 303 43.65 -8.74 10.45
C LEU B 303 43.84 -7.22 10.45
N ALA B 304 45.05 -6.78 10.80
CA ALA B 304 45.37 -5.37 10.84
C ALA B 304 45.36 -4.77 9.45
N GLU B 305 45.74 -5.57 8.47
CA GLU B 305 45.81 -5.11 7.08
C GLU B 305 44.41 -4.88 6.51
N ASN B 306 43.48 -5.77 6.87
CA ASN B 306 42.10 -5.62 6.44
C ASN B 306 41.49 -4.40 7.13
N ARG B 307 41.62 -4.38 8.46
CA ARG B 307 41.07 -3.30 9.28
C ARG B 307 41.51 -1.95 8.74
N GLU B 308 42.69 -1.95 8.13
CA GLU B 308 43.22 -0.75 7.47
C GLU B 308 42.35 -0.36 6.27
N ILE B 309 41.95 -1.36 5.50
CA ILE B 309 41.26 -1.12 4.23
C ILE B 309 39.81 -0.70 4.43
N LEU B 310 39.21 -1.17 5.53
CA LEU B 310 37.81 -0.87 5.81
C LEU B 310 37.60 0.60 6.18
N LYS B 311 38.66 1.25 6.65
CA LYS B 311 38.60 2.66 7.02
C LYS B 311 38.48 3.54 5.77
N GLU B 312 38.79 2.96 4.62
CA GLU B 312 38.98 3.73 3.39
C GLU B 312 37.78 3.72 2.44
N PRO B 313 37.77 4.66 1.48
CA PRO B 313 36.84 4.57 0.35
C PRO B 313 37.09 3.28 -0.44
N VAL B 314 36.03 2.66 -0.92
CA VAL B 314 36.16 1.50 -1.78
C VAL B 314 36.92 1.92 -3.02
N HIS B 315 38.05 1.27 -3.29
CA HIS B 315 38.76 1.58 -4.51
C HIS B 315 37.92 1.08 -5.70
N GLY B 316 37.68 1.96 -6.66
CA GLY B 316 37.04 1.53 -7.90
C GLY B 316 35.53 1.77 -7.98
N VAL B 317 34.96 2.35 -6.94
CA VAL B 317 33.53 2.67 -6.95
C VAL B 317 33.31 4.17 -7.13
N TYR B 318 32.42 4.51 -8.05
CA TYR B 318 32.25 5.89 -8.47
C TYR B 318 30.80 6.13 -8.80
N TYR B 319 30.34 7.35 -8.57
CA TYR B 319 28.94 7.69 -8.80
C TYR B 319 28.66 7.83 -10.29
N ASP B 320 27.70 7.05 -10.76
CA ASP B 320 27.25 7.10 -12.14
C ASP B 320 25.94 7.89 -12.21
N PRO B 321 26.02 9.15 -12.67
CA PRO B 321 24.86 10.06 -12.71
C PRO B 321 23.64 9.51 -13.42
N SER B 322 23.84 8.58 -14.36
CA SER B 322 22.75 8.05 -15.16
C SER B 322 21.96 7.01 -14.37
N LYS B 323 22.60 6.41 -13.38
CA LYS B 323 21.98 5.29 -12.68
C LYS B 323 21.29 5.67 -11.35
N ASP B 324 20.22 4.93 -11.05
CA ASP B 324 19.48 5.09 -9.80
C ASP B 324 20.34 4.85 -8.56
N LEU B 325 20.04 5.56 -7.49
CA LEU B 325 20.61 5.28 -6.18
C LEU B 325 19.74 4.32 -5.39
N ILE B 326 20.37 3.46 -4.60
CA ILE B 326 19.64 2.51 -3.78
C ILE B 326 20.13 2.57 -2.32
N ALA B 327 19.20 2.51 -1.38
CA ALA B 327 19.56 2.52 0.02
C ALA B 327 18.95 1.33 0.76
N GLU B 328 19.81 0.53 1.40
CA GLU B 328 19.36 -0.58 2.24
C GLU B 328 19.53 -0.18 3.70
N ILE B 329 18.61 -0.64 4.56
CA ILE B 329 18.60 -0.26 5.97
C ILE B 329 18.38 -1.48 6.84
N GLN B 330 19.27 -1.73 7.80
CA GLN B 330 19.06 -2.84 8.71
C GLN B 330 18.77 -2.39 10.14
N LYS B 331 17.74 -2.98 10.74
CA LYS B 331 17.44 -2.81 12.16
C LYS B 331 18.48 -3.53 13.02
N GLN B 332 19.26 -2.78 13.78
CA GLN B 332 20.30 -3.37 14.60
C GLN B 332 19.84 -3.69 16.01
N GLY B 333 18.76 -3.05 16.43
CA GLY B 333 18.29 -3.22 17.79
C GLY B 333 18.69 -2.01 18.62
N GLN B 334 18.17 -1.95 19.85
CA GLN B 334 18.51 -0.84 20.77
C GLN B 334 18.52 0.52 20.08
N GLY B 335 17.59 0.71 19.16
CA GLY B 335 17.43 2.01 18.53
C GLY B 335 18.54 2.40 17.55
N GLN B 336 19.32 1.41 17.10
CA GLN B 336 20.38 1.68 16.15
C GLN B 336 20.07 1.10 14.78
N TRP B 337 20.43 1.83 13.73
CA TRP B 337 20.10 1.38 12.39
C TRP B 337 21.32 1.58 11.51
N THR B 338 21.57 0.63 10.61
CA THR B 338 22.67 0.77 9.69
C THR B 338 22.16 0.87 8.27
N TYR B 339 22.95 1.48 7.40
CA TYR B 339 22.50 1.67 6.05
C TYR B 339 23.64 1.82 5.05
N GLN B 340 23.41 1.37 3.83
CA GLN B 340 24.41 1.49 2.79
C GLN B 340 23.72 2.11 1.58
N ILE B 341 24.49 2.88 0.81
CA ILE B 341 23.99 3.45 -0.43
C ILE B 341 24.87 2.98 -1.58
N TYR B 342 24.23 2.43 -2.61
CA TYR B 342 24.95 1.91 -3.75
C TYR B 342 24.11 2.06 -5.00
N GLN B 343 24.77 2.11 -6.15
CA GLN B 343 24.08 2.05 -7.42
C GLN B 343 24.21 0.64 -7.97
N GLU B 344 25.40 0.08 -7.79
CA GLU B 344 25.68 -1.31 -8.13
C GLU B 344 25.80 -2.10 -6.83
N PRO B 345 25.01 -3.18 -6.69
CA PRO B 345 24.96 -3.92 -5.42
C PRO B 345 26.34 -4.34 -4.92
N PHE B 346 26.55 -4.13 -3.62
CA PHE B 346 27.82 -4.39 -2.94
C PHE B 346 28.90 -3.34 -3.16
N LYS B 347 28.72 -2.47 -4.15
CA LYS B 347 29.67 -1.38 -4.41
C LYS B 347 29.25 -0.06 -3.72
N ASN B 348 29.61 0.08 -2.45
CA ASN B 348 29.06 1.12 -1.57
C ASN B 348 29.64 2.51 -1.77
N LEU B 349 28.79 3.46 -2.12
CA LEU B 349 29.21 4.84 -2.24
C LEU B 349 29.27 5.50 -0.87
N LYS B 350 28.51 4.94 0.07
CA LYS B 350 28.44 5.49 1.43
C LYS B 350 27.76 4.50 2.36
N THR B 351 28.34 4.31 3.54
CA THR B 351 27.69 3.51 4.57
C THR B 351 27.48 4.45 5.73
N GLY B 352 26.69 4.03 6.71
CA GLY B 352 26.41 4.91 7.84
C GLY B 352 25.52 4.25 8.87
N LYS B 353 25.28 4.98 9.95
CA LYS B 353 24.36 4.53 10.99
C LYS B 353 23.48 5.70 11.43
N TYR B 354 22.33 5.37 12.00
CA TYR B 354 21.46 6.36 12.63
C TYR B 354 21.00 5.79 13.97
N ALA B 355 21.00 6.61 15.01
CA ALA B 355 20.64 6.13 16.35
C ALA B 355 19.59 6.98 17.08
N ARG B 356 18.92 6.36 18.05
CA ARG B 356 17.97 7.03 18.94
C ARG B 356 16.71 7.44 18.18
N THR B 362 11.85 4.28 21.61
CA THR B 362 10.43 4.47 21.33
C THR B 362 9.83 3.35 20.47
N ASN B 363 9.90 3.57 19.16
CA ASN B 363 8.93 3.09 18.21
C ASN B 363 9.69 2.76 16.90
N ASP B 364 9.56 1.51 16.45
CA ASP B 364 10.34 1.01 15.32
C ASP B 364 10.04 1.79 14.05
N VAL B 365 8.78 2.13 13.81
CA VAL B 365 8.43 2.83 12.58
C VAL B 365 8.82 4.30 12.64
N LYS B 366 8.75 4.89 13.84
CA LYS B 366 9.11 6.29 13.97
C LYS B 366 10.58 6.48 13.64
N GLN B 367 11.39 5.50 14.06
CA GLN B 367 12.82 5.54 13.85
C GLN B 367 13.22 5.31 12.40
N LEU B 368 12.62 4.29 11.77
CA LEU B 368 12.86 3.98 10.37
C LEU B 368 12.56 5.22 9.52
N THR B 369 11.41 5.82 9.82
CA THR B 369 10.99 7.03 9.16
C THR B 369 12.01 8.15 9.29
N GLU B 370 12.58 8.29 10.49
CA GLU B 370 13.58 9.32 10.72
C GLU B 370 14.87 9.03 9.95
N ALA B 371 15.27 7.75 9.97
CA ALA B 371 16.46 7.32 9.24
C ALA B 371 16.31 7.54 7.72
N VAL B 372 15.14 7.19 7.16
CA VAL B 372 14.90 7.41 5.73
C VAL B 372 15.03 8.90 5.34
N GLN B 373 14.42 9.79 6.12
CA GLN B 373 14.55 11.22 5.79
C GLN B 373 15.99 11.71 5.92
N LYS B 374 16.66 11.26 6.97
CA LYS B 374 18.04 11.64 7.15
C LYS B 374 18.91 11.13 6.00
N ILE B 375 18.76 9.86 5.64
CA ILE B 375 19.52 9.29 4.53
C ILE B 375 19.20 10.00 3.20
N THR B 376 17.94 10.37 3.01
CA THR B 376 17.54 11.09 1.80
C THR B 376 18.19 12.48 1.71
N THR B 377 18.24 13.16 2.86
CA THR B 377 18.80 14.50 2.92
C THR B 377 20.26 14.52 2.52
N GLU B 378 21.01 13.56 3.06
CA GLU B 378 22.42 13.43 2.74
C GLU B 378 22.59 13.09 1.26
N SER B 379 21.70 12.27 0.72
CA SER B 379 21.78 11.90 -0.68
C SER B 379 21.60 13.12 -1.56
N ILE B 380 20.63 13.97 -1.19
CA ILE B 380 20.43 15.20 -1.94
C ILE B 380 21.68 16.07 -1.91
N VAL B 381 22.34 16.15 -0.77
CA VAL B 381 23.49 17.03 -0.63
C VAL B 381 24.66 16.51 -1.45
N ILE B 382 24.88 15.20 -1.37
CA ILE B 382 26.00 14.58 -2.03
C ILE B 382 25.79 14.42 -3.54
N TRP B 383 24.63 13.92 -3.94
CA TRP B 383 24.45 13.56 -5.35
C TRP B 383 23.41 14.39 -6.10
N GLY B 384 22.58 15.14 -5.38
CA GLY B 384 21.49 15.85 -6.03
C GLY B 384 20.36 14.91 -6.38
N LYS B 385 20.45 13.67 -5.89
CA LYS B 385 19.48 12.64 -6.22
C LYS B 385 18.92 11.97 -4.96
N THR B 386 17.70 11.46 -5.06
CA THR B 386 17.07 10.68 -4.00
C THR B 386 17.21 9.19 -4.27
N PRO B 387 17.42 8.37 -3.22
CA PRO B 387 17.52 6.91 -3.28
C PRO B 387 16.17 6.18 -3.31
N LYS B 388 16.14 5.02 -3.97
CA LYS B 388 15.04 4.08 -3.77
C LYS B 388 15.39 3.22 -2.55
N PHE B 389 14.51 3.20 -1.57
CA PHE B 389 14.82 2.55 -0.32
C PHE B 389 14.35 1.10 -0.33
N LYS B 390 15.15 0.22 0.27
CA LYS B 390 14.74 -1.12 0.60
C LYS B 390 14.44 -1.19 2.09
N LEU B 391 13.15 -1.20 2.44
CA LEU B 391 12.72 -1.05 3.83
C LEU B 391 12.36 -2.38 4.50
N PRO B 392 12.97 -2.66 5.66
CA PRO B 392 12.73 -3.90 6.41
C PRO B 392 11.45 -3.87 7.22
N ILE B 393 10.31 -3.97 6.56
CA ILE B 393 9.05 -3.77 7.23
C ILE B 393 7.86 -4.18 6.35
N GLN B 394 6.76 -4.56 7.00
CA GLN B 394 5.56 -4.97 6.30
C GLN B 394 4.97 -3.75 5.60
N LYS B 395 4.68 -3.89 4.30
CA LYS B 395 4.18 -2.80 3.49
C LYS B 395 3.07 -2.04 4.20
N GLU B 396 2.14 -2.80 4.77
CA GLU B 396 0.89 -2.24 5.26
C GLU B 396 1.15 -1.48 6.55
N THR B 397 2.08 -1.97 7.36
CA THR B 397 2.45 -1.27 8.57
C THR B 397 3.04 0.08 8.20
N TRP B 398 3.98 0.06 7.26
CA TRP B 398 4.60 1.30 6.80
C TRP B 398 3.56 2.26 6.23
N GLU B 399 2.69 1.75 5.35
CA GLU B 399 1.71 2.62 4.68
C GLU B 399 0.87 3.35 5.71
N THR B 400 0.46 2.60 6.73
CA THR B 400 -0.39 3.14 7.76
C THR B 400 0.32 4.24 8.52
N TRP B 401 1.54 3.97 8.95
CA TRP B 401 2.16 4.78 9.99
C TRP B 401 3.15 5.88 9.55
N TRP B 402 3.71 5.76 8.36
CA TRP B 402 4.83 6.64 8.03
C TRP B 402 4.46 8.11 8.10
N THR B 403 3.26 8.47 7.64
CA THR B 403 2.90 9.87 7.57
C THR B 403 2.75 10.43 8.97
N GLU B 404 2.69 9.55 9.96
CA GLU B 404 2.47 10.00 11.32
C GLU B 404 3.72 10.66 11.88
N TYR B 405 4.84 10.51 11.18
CA TYR B 405 6.13 11.00 11.66
C TYR B 405 6.93 11.70 10.58
N TRP B 406 6.43 11.64 9.34
CA TRP B 406 7.10 12.25 8.19
C TRP B 406 7.08 13.76 8.28
N GLN B 407 8.19 14.40 7.93
CA GLN B 407 8.27 15.84 8.04
C GLN B 407 8.82 16.49 6.77
N ALA B 408 9.41 15.69 5.88
CA ALA B 408 9.98 16.26 4.67
C ALA B 408 8.89 16.67 3.67
N THR B 409 9.28 17.49 2.70
CA THR B 409 8.34 17.94 1.68
C THR B 409 8.42 17.04 0.47
N TRP B 410 9.40 16.14 0.47
CA TRP B 410 9.52 15.14 -0.58
C TRP B 410 9.19 13.74 -0.08
N ILE B 411 9.09 12.81 -1.02
CA ILE B 411 8.89 11.39 -0.69
C ILE B 411 9.76 10.51 -1.58
N PRO B 412 10.73 9.82 -0.98
CA PRO B 412 11.58 8.89 -1.75
C PRO B 412 10.75 7.73 -2.25
N GLU B 413 11.24 7.07 -3.30
CA GLU B 413 10.69 5.80 -3.70
C GLU B 413 11.10 4.68 -2.75
N TRP B 414 10.19 3.75 -2.52
CA TRP B 414 10.51 2.61 -1.67
C TRP B 414 9.93 1.28 -2.12
N GLU B 415 10.54 0.21 -1.62
CA GLU B 415 9.97 -1.13 -1.71
C GLU B 415 10.28 -1.82 -0.38
N PHE B 416 9.77 -3.04 -0.22
CA PHE B 416 9.89 -3.72 1.07
C PHE B 416 10.59 -5.04 0.94
N VAL B 417 11.53 -5.30 1.85
CA VAL B 417 12.31 -6.52 1.77
C VAL B 417 12.42 -7.18 3.14
N ASN B 418 12.67 -8.47 3.14
CA ASN B 418 13.03 -9.15 4.37
C ASN B 418 14.56 -9.18 4.45
N THR B 419 15.10 -8.56 5.50
CA THR B 419 16.55 -8.40 5.63
C THR B 419 17.24 -9.76 5.83
N PRO B 420 18.18 -10.09 4.93
CA PRO B 420 19.05 -11.26 5.13
C PRO B 420 19.79 -11.13 6.45
N PRO B 421 19.47 -11.99 7.42
CA PRO B 421 19.96 -11.84 8.80
C PRO B 421 21.48 -11.79 8.88
N LEU B 422 22.13 -12.20 7.79
CA LEU B 422 23.59 -12.18 7.71
C LEU B 422 24.09 -10.77 7.44
N VAL B 423 23.45 -10.09 6.48
CA VAL B 423 23.72 -8.68 6.20
C VAL B 423 23.63 -7.83 7.47
N LYS B 424 22.66 -8.14 8.32
CA LYS B 424 22.45 -7.41 9.58
C LYS B 424 23.68 -7.53 10.49
N LEU B 425 24.24 -8.73 10.55
CA LEU B 425 25.33 -9.05 11.48
C LEU B 425 26.63 -8.39 11.04
N TRP B 426 26.89 -8.45 9.74
CA TRP B 426 28.14 -7.93 9.18
C TRP B 426 28.29 -6.42 9.36
N TYR B 427 27.17 -5.74 9.62
CA TYR B 427 27.19 -4.30 9.86
C TYR B 427 26.91 -3.91 11.31
N GLN B 428 27.19 -4.80 12.25
CA GLN B 428 27.00 -4.49 13.68
C GLN B 428 28.00 -3.44 14.15
N LEU B 429 27.78 -2.97 15.39
CA LEU B 429 28.78 -2.26 16.19
C LEU B 429 29.26 -0.94 15.59
C1 NVE C . -28.83 8.45 5.97
C2 NVE C . -27.75 7.67 5.19
N3 NVE C . -27.47 6.25 5.57
C4 NVE C . -26.59 5.45 4.79
C5 NVE C . -26.95 4.14 4.24
N6 NVE C . -28.25 3.56 4.42
C7 NVE C . -28.78 2.74 3.27
C8 NVE C . -29.06 3.64 5.54
O9 NVE C . -30.17 3.06 5.55
C10 NVE C . -28.70 4.37 6.76
C11 NVE C . -29.09 3.83 8.02
C12 NVE C . -28.75 4.51 9.27
C13 NVE C . -28.02 5.71 9.23
N14 NVE C . -27.65 6.21 8.02
C15 NVE C . -27.94 5.62 6.77
C16 NVE C . -25.94 3.43 3.47
C17 NVE C . -24.65 3.97 3.25
C18 NVE C . -24.34 5.26 3.80
N19 NVE C . -25.30 5.95 4.54
C20 NVE C . -38.47 7.05 12.93
C21 NVE C . -37.83 6.02 11.96
O22 NVE C . -38.74 5.67 10.83
P23 NVE C . -38.06 5.72 9.32
C24 NVE C . -36.61 4.66 9.42
O25 NVE C . -35.48 5.49 9.71
C26 NVE C . -34.27 4.85 9.88
C27 NVE C . -33.38 5.46 10.84
C28 NVE C . -32.12 4.90 11.12
C29 NVE C . -31.69 3.67 10.43
C30 NVE C . -32.56 3.03 9.45
C31 NVE C . -33.86 3.61 9.17
C32 NVE C . -30.30 3.03 10.69
C33 NVE C . -29.10 4.01 10.75
O34 NVE C . -37.67 7.26 8.93
C35 NVE C . -38.82 8.22 9.12
C36 NVE C . -39.79 8.32 7.93
O37 NVE C . -38.93 5.09 8.26
S SO4 D . 31.99 -30.72 24.14
O1 SO4 D . 31.10 -30.90 25.30
O2 SO4 D . 33.40 -30.78 24.58
O3 SO4 D . 31.73 -31.80 23.16
O4 SO4 D . 31.76 -29.41 23.51
S SO4 E . 25.45 -34.61 26.17
O1 SO4 E . 26.08 -34.49 27.49
O2 SO4 E . 25.45 -33.28 25.52
O3 SO4 E . 26.22 -35.54 25.31
O4 SO4 E . 24.07 -35.14 26.32
S SO4 F . 8.19 -30.66 2.22
O1 SO4 F . 8.95 -29.40 2.09
O2 SO4 F . 8.45 -31.27 3.53
O3 SO4 F . 8.60 -31.59 1.15
O4 SO4 F . 6.74 -30.39 2.10
S SO4 G . -28.67 -4.03 -3.91
O1 SO4 G . -27.75 -3.08 -4.56
O2 SO4 G . -29.18 -3.45 -2.65
O3 SO4 G . -27.95 -5.29 -3.62
O4 SO4 G . -29.80 -4.33 -4.81
MG MG H . -30.32 -0.33 -6.99
CL CL I . -26.27 -21.17 -9.71
CL CL J . 24.81 16.28 10.77
#